data_1N1V
#
_entry.id   1N1V
#
_cell.length_a   75.862
_cell.length_b   93.404
_cell.length_c   105.821
_cell.angle_alpha   90.00
_cell.angle_beta   90.00
_cell.angle_gamma   90.00
#
_symmetry.space_group_name_H-M   'P 21 21 21'
#
loop_
_entity.id
_entity.type
_entity.pdbx_description
1 polymer Sialidase
2 non-polymer 'SULFATE ION'
3 non-polymer '2-DEOXY-2,3-DEHYDRO-N-ACETYL-NEURAMINIC ACID'
4 water water
#
_entity_poly.entity_id   1
_entity_poly.type   'polypeptide(L)'
_entity_poly.pdbx_seq_one_letter_code
;AASLAPGSSRVELFKRKNSTVPFEESNGTIRERVVHSFRIPTIVNVDGVMVAIADARYETSFDNSFIETAVKYSVDDGAT
WNTQIAIKNSRASSVSRVMDATVIVKGNKLYILVGSFNKTRNSWTQHRDGSDWEPLLVVGEVTKSAANGKTTATISWGKP
VSLKPLFPAEFDGILTKEFVGGVGAAIVASNGNLVYPVQIADMGGRVFTKIMYSEDDGNTWKFAEGRSKFGCSEPAVLEW
EGKLIINNRVDGNRRLVYESSDMGKTWVEALGTLSHVWTNSPTSNQQDCQSSFVAVTIEGKRVMLFTHPLNLKGRWMRDR
LHLWMTDNQRIFDVGQISIGDENSGYSSVLYKDDKLYSLHEINTNDVYSLVFVRLIGELQLMKSVVRTWKEEDNHLASIC
TPVVPATPPSKGGCGAAVPTAGLVGFLSHSANGSVWEDVYRCVDANVANAERVPNGLKFNGVGGGAVWPVARQGQTRRYQ
FANYRFTLVATVTIDELPKGTSPLLGAGLEGPGDAKLLGLSYDKNRQWRPLYGAAPASPTGSWELHKKYHVVLTMADRQG
SVYVDGQPLAGSGNTVVRGATLPDISHFYIGGPRSKGAPTDSRVTVTNVVLYNRRLNSSEIRTLFLSQDMIGTDGGAGTA
A
;
_entity_poly.pdbx_strand_id   A
#
loop_
_chem_comp.id
_chem_comp.type
_chem_comp.name
_chem_comp.formula
DAN D-saccharide '2-DEOXY-2,3-DEHYDRO-N-ACETYL-NEURAMINIC ACID' 'C11 H17 N O8'
SO4 non-polymer 'SULFATE ION' 'O4 S -2'
#
# COMPACT_ATOMS: atom_id res chain seq x y z
N ALA A 1 3.07 14.66 9.65
CA ALA A 1 2.04 15.03 10.65
C ALA A 1 1.47 13.83 11.42
N ALA A 2 1.59 13.87 12.74
CA ALA A 2 1.12 12.81 13.63
C ALA A 2 -0.33 13.00 14.05
N SER A 3 -1.05 13.88 13.34
CA SER A 3 -2.47 14.08 13.60
C SER A 3 -3.10 14.79 12.40
N LEU A 4 -4.41 14.70 12.24
CA LEU A 4 -5.07 15.37 11.14
C LEU A 4 -4.40 16.74 10.96
N ALA A 5 -3.88 16.98 9.77
CA ALA A 5 -3.00 18.13 9.50
C ALA A 5 -3.53 19.55 9.78
N PRO A 6 -2.61 20.47 10.07
CA PRO A 6 -2.96 21.88 10.20
C PRO A 6 -3.60 22.33 8.90
N GLY A 7 -4.74 23.00 8.97
CA GLY A 7 -5.45 23.45 7.78
C GLY A 7 -6.62 22.52 7.46
N SER A 8 -6.52 21.27 7.88
CA SER A 8 -7.57 20.29 7.60
C SER A 8 -8.64 20.37 8.67
N SER A 9 -9.82 19.84 8.36
CA SER A 9 -10.93 19.85 9.32
C SER A 9 -11.90 18.74 8.97
N ARG A 10 -12.79 18.45 9.91
CA ARG A 10 -13.82 17.43 9.70
C ARG A 10 -15.11 17.78 10.46
N VAL A 11 -16.21 17.14 10.06
CA VAL A 11 -17.48 17.22 10.75
C VAL A 11 -17.92 15.78 10.98
N GLU A 12 -18.70 15.58 12.02
CA GLU A 12 -19.26 14.29 12.30
C GLU A 12 -20.50 14.17 11.42
N LEU A 13 -20.34 13.59 10.23
CA LEU A 13 -21.42 13.51 9.23
C LEU A 13 -22.54 12.50 9.58
N PHE A 14 -22.14 11.30 9.97
CA PHE A 14 -23.10 10.31 10.43
C PHE A 14 -22.85 10.26 11.94
N LYS A 15 -23.75 10.86 12.72
CA LYS A 15 -23.57 11.00 14.16
C LYS A 15 -24.29 9.94 14.98
N ARG A 16 -23.53 9.08 15.63
CA ARG A 16 -24.09 8.03 16.49
C ARG A 16 -25.21 8.54 17.41
N LYS A 17 -26.22 7.69 17.63
CA LYS A 17 -27.41 7.99 18.43
C LYS A 17 -27.85 9.46 18.40
N ASN A 18 -27.80 10.02 17.19
CA ASN A 18 -28.20 11.40 16.91
C ASN A 18 -28.81 11.47 15.50
N SER A 19 -27.99 11.29 14.48
CA SER A 19 -28.51 11.35 13.11
C SER A 19 -29.59 10.32 12.86
N THR A 20 -30.69 10.74 12.24
CA THR A 20 -31.78 9.83 11.93
C THR A 20 -31.73 9.50 10.46
N VAL A 21 -32.43 8.43 10.12
CA VAL A 21 -32.54 7.97 8.76
C VAL A 21 -34.02 7.64 8.58
N PRO A 22 -34.52 7.85 7.37
CA PRO A 22 -35.93 7.58 7.06
C PRO A 22 -36.23 6.09 7.02
N PHE A 23 -36.52 5.51 8.17
CA PHE A 23 -36.89 4.10 8.27
C PHE A 23 -38.30 3.85 7.75
N GLU A 24 -38.44 2.85 6.89
CA GLU A 24 -39.72 2.52 6.28
C GLU A 24 -40.36 1.33 6.97
N GLU A 25 -41.47 1.59 7.66
CA GLU A 25 -42.23 0.53 8.32
C GLU A 25 -42.80 -0.41 7.25
N SER A 26 -43.21 -1.60 7.67
CA SER A 26 -43.75 -2.60 6.73
C SER A 26 -44.95 -2.09 5.93
N ASN A 27 -45.61 -1.05 6.42
CA ASN A 27 -46.80 -0.54 5.72
C ASN A 27 -46.51 0.68 4.87
N GLY A 28 -45.25 0.82 4.45
CA GLY A 28 -44.88 1.93 3.61
C GLY A 28 -44.71 3.23 4.38
N THR A 29 -45.23 3.28 5.59
CA THR A 29 -45.10 4.46 6.44
C THR A 29 -43.60 4.78 6.70
N ILE A 30 -43.31 6.05 6.89
CA ILE A 30 -41.94 6.49 7.06
C ILE A 30 -41.75 7.28 8.32
N ARG A 31 -40.74 6.88 9.09
CA ARG A 31 -40.46 7.56 10.34
C ARG A 31 -38.95 7.77 10.50
N GLU A 32 -38.59 8.94 11.02
CA GLU A 32 -37.19 9.25 11.25
C GLU A 32 -36.75 8.52 12.50
N ARG A 33 -35.80 7.60 12.35
CA ARG A 33 -35.34 6.74 13.42
C ARG A 33 -33.85 6.93 13.73
N VAL A 34 -33.54 7.08 15.02
CA VAL A 34 -32.19 7.26 15.50
C VAL A 34 -31.42 5.96 15.28
N VAL A 35 -30.11 6.08 15.06
CA VAL A 35 -29.27 4.93 14.73
C VAL A 35 -28.13 4.88 15.73
N HIS A 36 -27.95 3.74 16.38
CA HIS A 36 -26.91 3.57 17.39
C HIS A 36 -25.52 3.85 16.81
N SER A 37 -25.17 3.15 15.74
CA SER A 37 -23.85 3.26 15.15
C SER A 37 -23.88 3.28 13.62
N PHE A 38 -22.99 4.08 13.05
CA PHE A 38 -22.80 4.13 11.60
C PHE A 38 -21.40 3.57 11.33
N ARG A 39 -21.31 2.51 10.53
CA ARG A 39 -20.06 1.82 10.23
C ARG A 39 -19.87 1.53 8.75
N ILE A 40 -18.68 1.06 8.41
CA ILE A 40 -18.38 0.60 7.05
C ILE A 40 -18.62 1.68 5.99
N PRO A 41 -17.91 2.79 6.13
CA PRO A 41 -18.04 3.94 5.23
C PRO A 41 -17.43 3.76 3.83
N THR A 42 -18.12 4.28 2.84
CA THR A 42 -17.55 4.51 1.52
C THR A 42 -18.05 5.83 0.96
N ILE A 43 -17.12 6.63 0.43
CA ILE A 43 -17.52 7.87 -0.22
C ILE A 43 -16.96 7.94 -1.64
N VAL A 44 -17.87 8.19 -2.60
CA VAL A 44 -17.50 8.24 -4.02
C VAL A 44 -18.13 9.45 -4.71
N ASN A 45 -17.72 9.69 -5.94
CA ASN A 45 -18.19 10.84 -6.73
C ASN A 45 -19.00 10.33 -7.91
N VAL A 46 -20.28 10.68 -7.99
CA VAL A 46 -21.10 10.29 -9.13
C VAL A 46 -21.51 11.54 -9.92
N ASP A 47 -20.90 11.75 -11.08
CA ASP A 47 -21.30 12.89 -11.91
C ASP A 47 -21.33 14.18 -11.10
N GLY A 48 -20.33 14.40 -10.26
CA GLY A 48 -20.24 15.62 -9.48
C GLY A 48 -21.04 15.57 -8.19
N VAL A 49 -21.68 14.44 -7.92
CA VAL A 49 -22.43 14.31 -6.68
C VAL A 49 -21.69 13.39 -5.71
N MET A 50 -21.40 13.89 -4.51
CA MET A 50 -20.79 13.06 -3.47
C MET A 50 -21.84 12.12 -2.92
N VAL A 51 -21.52 10.82 -2.89
CA VAL A 51 -22.39 9.81 -2.30
C VAL A 51 -21.64 9.07 -1.20
N ALA A 52 -22.15 9.20 0.02
CA ALA A 52 -21.59 8.56 1.21
C ALA A 52 -22.47 7.37 1.60
N ILE A 53 -21.90 6.17 1.60
CA ILE A 53 -22.64 4.94 1.85
C ILE A 53 -22.18 4.32 3.17
N ALA A 54 -23.11 3.73 3.91
CA ALA A 54 -22.78 3.20 5.24
C ALA A 54 -23.80 2.26 5.84
N ASP A 55 -23.32 1.41 6.74
CA ASP A 55 -24.17 0.57 7.57
C ASP A 55 -24.86 1.50 8.56
N ALA A 56 -26.19 1.42 8.61
CA ALA A 56 -26.95 2.05 9.68
C ALA A 56 -27.24 0.93 10.66
N ARG A 57 -26.46 0.81 11.73
CA ARG A 57 -26.67 -0.25 12.72
C ARG A 57 -27.58 0.35 13.79
N TYR A 58 -28.86 0.10 13.61
CA TYR A 58 -29.89 0.79 14.35
C TYR A 58 -29.85 0.67 15.85
N GLU A 59 -29.65 -0.56 16.34
CA GLU A 59 -29.77 -0.87 17.76
C GLU A 59 -28.46 -1.11 18.48
N THR A 60 -27.47 -1.64 17.77
CA THR A 60 -26.16 -1.88 18.38
C THR A 60 -25.05 -1.84 17.31
N SER A 61 -23.80 -1.82 17.74
CA SER A 61 -22.70 -1.78 16.79
C SER A 61 -22.30 -3.19 16.35
N PHE A 62 -22.86 -4.20 16.99
CA PHE A 62 -22.53 -5.60 16.67
C PHE A 62 -22.82 -6.00 15.23
N ASP A 63 -21.98 -6.88 14.69
CA ASP A 63 -22.15 -7.36 13.33
C ASP A 63 -23.50 -8.07 13.15
N ASN A 64 -23.89 -8.87 14.12
CA ASN A 64 -25.13 -9.62 13.99
C ASN A 64 -26.25 -8.87 14.63
N SER A 65 -26.72 -7.82 14.00
CA SER A 65 -27.80 -7.03 14.56
C SER A 65 -28.64 -6.43 13.44
N PHE A 66 -29.64 -5.62 13.80
CA PHE A 66 -30.56 -5.06 12.81
C PHE A 66 -29.87 -3.95 12.03
N ILE A 67 -29.55 -4.18 10.75
CA ILE A 67 -28.83 -3.16 9.96
C ILE A 67 -29.42 -2.90 8.58
N GLU A 68 -29.36 -1.63 8.13
CA GLU A 68 -29.73 -1.28 6.76
C GLU A 68 -28.67 -0.37 6.12
N THR A 69 -28.66 -0.30 4.80
CA THR A 69 -27.71 0.57 4.10
C THR A 69 -28.24 1.99 3.96
N ALA A 70 -27.55 2.91 4.63
CA ALA A 70 -27.90 4.30 4.58
C ALA A 70 -27.03 5.03 3.56
N VAL A 71 -27.58 6.08 3.00
CA VAL A 71 -26.85 6.93 2.09
C VAL A 71 -27.05 8.39 2.46
N LYS A 72 -26.00 9.18 2.32
CA LYS A 72 -26.12 10.63 2.40
C LYS A 72 -25.49 11.14 1.10
N TYR A 73 -26.21 11.99 0.36
CA TYR A 73 -25.60 12.55 -0.86
C TYR A 73 -25.62 14.05 -0.85
N SER A 74 -24.63 14.65 -1.52
CA SER A 74 -24.47 16.09 -1.59
C SER A 74 -24.14 16.59 -3.00
N VAL A 75 -24.74 17.71 -3.36
CA VAL A 75 -24.45 18.35 -4.64
C VAL A 75 -23.53 19.55 -4.46
N ASP A 76 -23.18 19.85 -3.22
CA ASP A 76 -22.35 21.02 -2.95
C ASP A 76 -21.09 20.73 -2.13
N ASP A 77 -20.43 19.63 -2.44
CA ASP A 77 -19.19 19.24 -1.78
C ASP A 77 -19.24 19.23 -0.24
N GLY A 78 -20.40 18.92 0.30
CA GLY A 78 -20.54 18.80 1.74
C GLY A 78 -21.16 19.97 2.46
N ALA A 79 -21.61 20.97 1.73
CA ALA A 79 -22.30 22.08 2.38
C ALA A 79 -23.60 21.53 2.96
N THR A 80 -24.32 20.74 2.17
CA THR A 80 -25.57 20.16 2.64
C THR A 80 -25.68 18.74 2.15
N TRP A 81 -26.51 17.94 2.81
CA TRP A 81 -26.73 16.54 2.43
C TRP A 81 -28.18 16.08 2.57
N ASN A 82 -28.62 15.16 1.71
CA ASN A 82 -29.91 14.48 1.87
C ASN A 82 -29.64 13.05 2.32
N THR A 83 -30.58 12.47 3.06
CA THR A 83 -30.41 11.14 3.64
C THR A 83 -31.48 10.14 3.18
N GLN A 84 -31.05 8.90 2.91
CA GLN A 84 -31.91 7.84 2.41
C GLN A 84 -31.54 6.51 3.00
N ILE A 85 -32.46 5.56 2.88
CA ILE A 85 -32.13 4.19 3.14
C ILE A 85 -32.12 3.55 1.75
N ALA A 86 -30.92 3.29 1.24
CA ALA A 86 -30.77 2.73 -0.10
C ALA A 86 -31.15 1.27 -0.19
N ILE A 87 -30.93 0.52 0.89
CA ILE A 87 -31.23 -0.91 0.88
C ILE A 87 -31.82 -1.33 2.21
N LYS A 88 -33.01 -1.95 2.12
CA LYS A 88 -33.75 -2.44 3.29
C LYS A 88 -33.30 -3.87 3.59
N ASN A 89 -33.30 -4.26 4.86
CA ASN A 89 -33.05 -5.65 5.15
C ASN A 89 -34.39 -6.41 4.98
N SER A 90 -34.34 -7.73 5.06
CA SER A 90 -35.49 -8.59 4.85
C SER A 90 -36.58 -8.50 5.92
N ARG A 91 -36.23 -7.95 7.08
CA ARG A 91 -37.18 -7.85 8.18
C ARG A 91 -37.63 -9.24 8.68
N ALA A 92 -36.81 -10.25 8.48
CA ALA A 92 -37.20 -11.60 8.87
C ALA A 92 -37.15 -11.80 10.38
N SER A 93 -36.22 -11.11 11.04
CA SER A 93 -36.04 -11.21 12.47
C SER A 93 -35.44 -9.92 12.96
N SER A 94 -35.21 -9.85 14.26
CA SER A 94 -34.60 -8.68 14.88
C SER A 94 -33.12 -8.57 14.55
N VAL A 95 -32.56 -9.54 13.85
CA VAL A 95 -31.15 -9.41 13.45
C VAL A 95 -30.96 -9.41 11.92
N SER A 96 -32.06 -9.27 11.18
CA SER A 96 -31.96 -9.20 9.73
C SER A 96 -31.07 -8.01 9.39
N ARG A 97 -30.24 -8.17 8.39
CA ARG A 97 -29.28 -7.13 8.06
C ARG A 97 -28.83 -7.16 6.61
N VAL A 98 -28.62 -5.97 6.05
CA VAL A 98 -27.92 -5.81 4.77
C VAL A 98 -26.69 -4.98 5.15
N MET A 99 -25.50 -5.47 4.80
CA MET A 99 -24.25 -4.92 5.32
C MET A 99 -23.00 -5.03 4.44
N ASP A 100 -21.97 -4.27 4.83
CA ASP A 100 -20.65 -4.34 4.21
C ASP A 100 -20.69 -3.99 2.73
N ALA A 101 -21.16 -2.78 2.43
CA ALA A 101 -21.29 -2.36 1.03
C ALA A 101 -19.96 -2.24 0.27
N THR A 102 -19.99 -2.69 -0.98
CA THR A 102 -18.88 -2.56 -1.91
C THR A 102 -19.54 -1.87 -3.08
N VAL A 103 -18.88 -0.83 -3.59
CA VAL A 103 -19.52 0.08 -4.49
C VAL A 103 -18.72 0.37 -5.75
N ILE A 104 -19.38 0.29 -6.90
CA ILE A 104 -18.75 0.68 -8.16
C ILE A 104 -19.57 1.82 -8.79
N VAL A 105 -18.87 2.82 -9.32
CA VAL A 105 -19.53 3.93 -10.00
C VAL A 105 -19.22 3.82 -11.47
N LYS A 106 -20.25 3.89 -12.31
CA LYS A 106 -20.06 3.93 -13.75
C LYS A 106 -21.09 4.90 -14.32
N GLY A 107 -20.62 5.98 -14.97
CA GLY A 107 -21.49 7.02 -15.51
C GLY A 107 -22.31 7.62 -14.37
N ASN A 108 -23.63 7.61 -14.52
CA ASN A 108 -24.48 8.12 -13.45
C ASN A 108 -25.06 6.99 -12.60
N LYS A 109 -24.47 5.81 -12.70
CA LYS A 109 -24.94 4.68 -11.91
C LYS A 109 -24.01 4.21 -10.78
N LEU A 110 -24.63 3.77 -9.70
CA LEU A 110 -23.93 3.21 -8.56
C LEU A 110 -24.30 1.75 -8.45
N TYR A 111 -23.31 0.86 -8.44
CA TYR A 111 -23.59 -0.55 -8.21
C TYR A 111 -23.14 -0.86 -6.81
N ILE A 112 -24.09 -1.31 -5.98
CA ILE A 112 -23.79 -1.68 -4.60
C ILE A 112 -24.02 -3.16 -4.34
N LEU A 113 -23.01 -3.80 -3.76
CA LEU A 113 -23.10 -5.21 -3.43
C LEU A 113 -23.01 -5.37 -1.91
N VAL A 114 -23.97 -6.08 -1.33
CA VAL A 114 -24.01 -6.23 0.11
C VAL A 114 -24.31 -7.66 0.50
N GLY A 115 -23.96 -8.02 1.73
CA GLY A 115 -24.32 -9.32 2.26
C GLY A 115 -25.65 -9.16 2.98
N SER A 116 -26.57 -10.09 2.75
CA SER A 116 -27.90 -9.98 3.35
C SER A 116 -28.14 -11.19 4.20
N PHE A 117 -28.61 -10.98 5.42
CA PHE A 117 -28.82 -12.06 6.36
C PHE A 117 -30.18 -11.91 7.04
N ASN A 118 -30.78 -13.05 7.37
CA ASN A 118 -32.11 -13.05 7.96
C ASN A 118 -32.14 -13.26 9.47
N LYS A 119 -31.51 -14.32 9.95
CA LYS A 119 -31.68 -14.65 11.36
C LYS A 119 -30.50 -15.18 12.18
N THR A 120 -29.32 -15.38 11.57
CA THR A 120 -28.18 -15.89 12.33
C THR A 120 -27.61 -14.86 13.27
N ARG A 121 -27.03 -15.34 14.36
CA ARG A 121 -26.48 -14.49 15.39
C ARG A 121 -24.97 -14.69 15.46
N ASN A 122 -24.46 -15.66 14.74
CA ASN A 122 -23.03 -15.82 14.70
C ASN A 122 -22.43 -15.34 13.37
N SER A 123 -21.11 -15.32 13.32
CA SER A 123 -20.34 -14.81 12.20
C SER A 123 -20.44 -15.64 10.92
N TRP A 124 -20.60 -14.93 9.80
CA TRP A 124 -20.77 -15.54 8.49
C TRP A 124 -19.79 -16.63 8.11
N THR A 125 -18.51 -16.51 8.43
CA THR A 125 -17.61 -17.60 8.03
C THR A 125 -17.89 -18.87 8.85
N GLN A 126 -18.59 -18.73 9.96
CA GLN A 126 -18.83 -19.91 10.77
C GLN A 126 -20.24 -20.49 10.64
N HIS A 127 -21.01 -20.00 9.67
CA HIS A 127 -22.35 -20.52 9.44
C HIS A 127 -22.24 -21.99 9.08
N ARG A 128 -23.28 -22.77 9.40
CA ARG A 128 -23.34 -24.17 9.02
C ARG A 128 -23.39 -24.33 7.51
N ASP A 129 -24.07 -23.41 6.83
CA ASP A 129 -24.17 -23.44 5.37
C ASP A 129 -24.58 -22.05 4.95
N GLY A 130 -24.91 -21.85 3.67
CA GLY A 130 -25.28 -20.53 3.19
C GLY A 130 -26.77 -20.17 3.24
N SER A 131 -27.56 -20.99 3.92
CA SER A 131 -29.02 -20.81 3.92
C SER A 131 -29.56 -19.48 4.44
N ASP A 132 -28.87 -18.87 5.41
CA ASP A 132 -29.31 -17.58 5.94
C ASP A 132 -28.88 -16.41 5.06
N TRP A 133 -28.09 -16.67 4.03
CA TRP A 133 -27.40 -15.58 3.29
C TRP A 133 -27.80 -15.35 1.83
N GLU A 134 -27.69 -14.10 1.39
CA GLU A 134 -27.84 -13.79 -0.02
C GLU A 134 -26.91 -12.64 -0.35
N PRO A 135 -26.23 -12.69 -1.49
CA PRO A 135 -25.43 -11.54 -1.93
C PRO A 135 -26.37 -10.69 -2.76
N LEU A 136 -26.60 -9.46 -2.34
CA LEU A 136 -27.51 -8.60 -3.07
C LEU A 136 -26.76 -7.51 -3.84
N LEU A 137 -27.17 -7.30 -5.09
CA LEU A 137 -26.66 -6.27 -5.96
C LEU A 137 -27.79 -5.28 -6.08
N VAL A 138 -27.46 -4.01 -5.99
CA VAL A 138 -28.44 -2.94 -6.04
C VAL A 138 -27.86 -1.83 -6.89
N VAL A 139 -28.67 -1.33 -7.83
CA VAL A 139 -28.24 -0.27 -8.71
C VAL A 139 -28.97 1.03 -8.37
N GLY A 140 -28.20 2.10 -8.23
CA GLY A 140 -28.79 3.40 -7.98
C GLY A 140 -28.47 4.35 -9.12
N GLU A 141 -29.40 5.22 -9.45
CA GLU A 141 -29.19 6.11 -10.58
C GLU A 141 -29.25 7.55 -10.17
N VAL A 142 -28.16 8.27 -10.41
CA VAL A 142 -28.12 9.65 -10.03
C VAL A 142 -28.60 10.57 -11.16
N THR A 143 -29.55 11.43 -10.80
CA THR A 143 -30.11 12.40 -11.75
C THR A 143 -29.96 13.82 -11.22
N LYS A 144 -29.33 14.69 -12.00
CA LYS A 144 -29.17 16.09 -11.61
C LYS A 144 -30.16 17.00 -12.35
N SER A 145 -30.24 18.23 -11.86
CA SER A 145 -31.05 19.29 -12.45
C SER A 145 -30.84 20.54 -11.62
N ALA A 146 -31.21 21.68 -12.16
CA ALA A 146 -30.89 22.91 -11.46
C ALA A 146 -31.97 23.97 -11.40
N ALA A 147 -32.35 24.33 -10.18
CA ALA A 147 -33.28 25.41 -9.96
C ALA A 147 -32.61 26.70 -10.44
N ASN A 148 -33.23 27.83 -10.14
CA ASN A 148 -32.67 29.11 -10.49
C ASN A 148 -31.30 29.26 -9.84
N GLY A 149 -30.27 28.97 -10.65
CA GLY A 149 -28.91 28.98 -10.16
C GLY A 149 -28.50 27.68 -9.50
N LYS A 150 -29.22 27.31 -8.45
CA LYS A 150 -28.89 26.14 -7.62
C LYS A 150 -29.09 24.79 -8.28
N THR A 151 -28.14 23.90 -8.07
CA THR A 151 -28.23 22.55 -8.60
C THR A 151 -28.89 21.63 -7.57
N THR A 152 -29.68 20.67 -8.02
CA THR A 152 -30.26 19.68 -7.11
C THR A 152 -30.07 18.30 -7.66
N ALA A 153 -30.18 17.30 -6.81
CA ALA A 153 -30.09 15.93 -7.30
C ALA A 153 -31.02 14.98 -6.58
N THR A 154 -31.37 13.89 -7.26
CA THR A 154 -32.07 12.78 -6.64
C THR A 154 -31.30 11.51 -6.95
N ILE A 155 -31.52 10.49 -6.14
CA ILE A 155 -30.94 9.19 -6.42
C ILE A 155 -32.09 8.20 -6.31
N SER A 156 -32.28 7.43 -7.38
CA SER A 156 -33.32 6.41 -7.42
C SER A 156 -32.68 5.02 -7.24
N TRP A 157 -33.14 4.30 -6.23
CA TRP A 157 -32.62 2.97 -5.91
C TRP A 157 -33.52 1.85 -6.43
N GLY A 158 -32.94 0.90 -7.14
CA GLY A 158 -33.71 -0.22 -7.66
C GLY A 158 -33.93 -1.32 -6.62
N LYS A 159 -34.63 -2.38 -7.03
CA LYS A 159 -34.88 -3.53 -6.17
C LYS A 159 -33.64 -4.39 -6.20
N PRO A 160 -33.31 -4.96 -5.05
CA PRO A 160 -32.12 -5.82 -4.94
C PRO A 160 -32.27 -7.07 -5.79
N VAL A 161 -31.16 -7.55 -6.33
CA VAL A 161 -31.17 -8.76 -7.12
C VAL A 161 -30.17 -9.73 -6.49
N SER A 162 -30.60 -10.96 -6.24
CA SER A 162 -29.70 -11.92 -5.60
C SER A 162 -28.78 -12.52 -6.63
N LEU A 163 -27.48 -12.58 -6.30
CA LEU A 163 -26.49 -13.15 -7.23
C LEU A 163 -26.15 -14.56 -6.79
N LYS A 164 -26.92 -15.05 -5.81
CA LYS A 164 -26.69 -16.39 -5.28
C LYS A 164 -26.76 -17.48 -6.36
N PRO A 165 -27.69 -17.40 -7.30
CA PRO A 165 -27.76 -18.44 -8.34
C PRO A 165 -26.51 -18.42 -9.24
N LEU A 166 -25.74 -17.34 -9.20
CA LEU A 166 -24.52 -17.26 -10.00
C LEU A 166 -23.29 -17.78 -9.25
N PHE A 167 -23.45 -18.10 -7.98
CA PHE A 167 -22.32 -18.53 -7.15
C PHE A 167 -22.07 -20.01 -7.35
N PRO A 168 -20.89 -20.39 -7.84
CA PRO A 168 -20.56 -21.81 -8.00
C PRO A 168 -20.55 -22.55 -6.66
N ALA A 169 -20.86 -23.84 -6.73
CA ALA A 169 -20.91 -24.69 -5.55
C ALA A 169 -19.52 -25.06 -5.12
N GLU A 170 -18.59 -24.99 -6.07
CA GLU A 170 -17.21 -25.34 -5.77
C GLU A 170 -16.24 -24.54 -6.64
N PHE A 171 -15.03 -24.37 -6.11
CA PHE A 171 -13.96 -23.77 -6.88
C PHE A 171 -12.82 -24.74 -6.77
N ASP A 172 -12.35 -25.21 -7.91
CA ASP A 172 -11.20 -26.09 -7.94
C ASP A 172 -11.10 -26.95 -6.67
N GLY A 173 -12.14 -27.72 -6.40
CA GLY A 173 -12.16 -28.57 -5.22
C GLY A 173 -12.95 -27.95 -4.09
N ILE A 174 -12.61 -26.70 -3.74
CA ILE A 174 -13.23 -25.96 -2.63
C ILE A 174 -14.77 -25.87 -2.64
N LEU A 175 -15.41 -26.41 -1.61
CA LEU A 175 -16.87 -26.31 -1.51
C LEU A 175 -17.27 -24.95 -0.95
N THR A 176 -18.02 -24.16 -1.71
CA THR A 176 -18.36 -22.80 -1.32
C THR A 176 -19.49 -22.72 -0.30
N LYS A 177 -19.50 -21.64 0.47
CA LYS A 177 -20.54 -21.41 1.45
C LYS A 177 -21.22 -20.08 1.25
N GLU A 178 -20.44 -19.00 1.29
CA GLU A 178 -21.00 -17.68 1.10
C GLU A 178 -19.93 -16.78 0.48
N PHE A 179 -20.35 -15.63 -0.04
CA PHE A 179 -19.38 -14.62 -0.46
C PHE A 179 -19.98 -13.26 -0.26
N VAL A 180 -19.10 -12.27 -0.16
CA VAL A 180 -19.51 -10.91 0.02
C VAL A 180 -18.45 -10.05 -0.68
N GLY A 181 -18.81 -8.82 -1.03
CA GLY A 181 -17.86 -7.88 -1.59
C GLY A 181 -16.71 -7.63 -0.62
N GLY A 182 -15.59 -7.11 -1.12
CA GLY A 182 -14.40 -6.87 -0.31
C GLY A 182 -14.52 -5.65 0.59
N VAL A 183 -15.60 -4.90 0.41
CA VAL A 183 -15.86 -3.68 1.19
C VAL A 183 -15.17 -2.45 0.66
N GLY A 184 -16.00 -1.47 0.33
CA GLY A 184 -15.45 -0.17 -0.04
C GLY A 184 -15.65 0.09 -1.51
N ALA A 185 -14.86 1.03 -2.02
CA ALA A 185 -14.93 1.40 -3.42
C ALA A 185 -14.11 0.44 -4.26
N ALA A 186 -14.76 -0.13 -5.26
CA ALA A 186 -14.11 -1.00 -6.23
C ALA A 186 -14.14 -0.18 -7.52
N ILE A 187 -14.05 -0.82 -8.70
CA ILE A 187 -13.83 -0.03 -9.91
C ILE A 187 -14.49 -0.50 -11.20
N VAL A 188 -14.38 0.37 -12.19
CA VAL A 188 -14.63 0.04 -13.58
C VAL A 188 -13.23 -0.01 -14.16
N ALA A 189 -12.85 -1.13 -14.77
CA ALA A 189 -11.54 -1.25 -15.41
C ALA A 189 -11.51 -0.38 -16.66
N SER A 190 -10.31 -0.15 -17.20
CA SER A 190 -10.19 0.67 -18.41
C SER A 190 -10.93 0.05 -19.61
N ASN A 191 -11.19 -1.26 -19.56
CA ASN A 191 -11.95 -1.91 -20.63
C ASN A 191 -13.45 -1.84 -20.39
N GLY A 192 -13.85 -1.09 -19.36
CA GLY A 192 -15.25 -0.94 -19.04
C GLY A 192 -15.87 -2.01 -18.14
N ASN A 193 -15.13 -3.08 -17.83
CA ASN A 193 -15.65 -4.11 -16.91
C ASN A 193 -16.00 -3.57 -15.53
N LEU A 194 -17.10 -4.03 -14.95
CA LEU A 194 -17.39 -3.76 -13.53
C LEU A 194 -16.52 -4.80 -12.81
N VAL A 195 -15.72 -4.39 -11.84
CA VAL A 195 -14.81 -5.32 -11.16
C VAL A 195 -14.94 -5.28 -9.64
N TYR A 196 -15.48 -6.35 -9.08
CA TYR A 196 -15.65 -6.46 -7.64
C TYR A 196 -14.66 -7.47 -7.14
N PRO A 197 -13.87 -7.10 -6.14
CA PRO A 197 -13.05 -8.10 -5.46
C PRO A 197 -14.00 -8.70 -4.45
N VAL A 198 -13.98 -10.01 -4.26
CA VAL A 198 -14.90 -10.58 -3.29
C VAL A 198 -14.16 -11.44 -2.29
N GLN A 199 -14.81 -11.70 -1.15
CA GLN A 199 -14.22 -12.61 -0.19
C GLN A 199 -15.16 -13.81 -0.08
N ILE A 200 -14.58 -14.99 -0.12
CA ILE A 200 -15.34 -16.22 -0.11
C ILE A 200 -15.01 -17.11 1.10
N ALA A 201 -16.06 -17.59 1.74
CA ALA A 201 -15.91 -18.55 2.83
C ALA A 201 -16.24 -19.92 2.29
N ASP A 202 -15.37 -20.90 2.55
CA ASP A 202 -15.70 -22.28 2.16
C ASP A 202 -16.46 -22.96 3.29
N MET A 203 -16.83 -24.22 3.09
CA MET A 203 -17.65 -24.93 4.07
C MET A 203 -16.94 -25.06 5.41
N GLY A 204 -15.65 -25.38 5.37
CA GLY A 204 -14.87 -25.55 6.59
C GLY A 204 -14.50 -24.21 7.18
N GLY A 205 -15.07 -23.13 6.63
CA GLY A 205 -14.84 -21.80 7.16
C GLY A 205 -13.56 -21.03 6.82
N ARG A 206 -12.82 -21.51 5.83
CA ARG A 206 -11.63 -20.81 5.34
C ARG A 206 -12.08 -19.63 4.51
N VAL A 207 -11.29 -18.56 4.51
CA VAL A 207 -11.61 -17.37 3.71
C VAL A 207 -10.52 -17.17 2.65
N PHE A 208 -10.92 -16.71 1.47
CA PHE A 208 -9.96 -16.36 0.42
C PHE A 208 -10.64 -15.37 -0.52
N THR A 209 -9.88 -14.72 -1.39
CA THR A 209 -10.49 -13.72 -2.24
C THR A 209 -10.33 -14.05 -3.72
N LYS A 210 -11.20 -13.44 -4.53
CA LYS A 210 -11.25 -13.66 -5.96
C LYS A 210 -11.82 -12.40 -6.59
N ILE A 211 -11.80 -12.36 -7.91
CA ILE A 211 -12.40 -11.29 -8.69
C ILE A 211 -13.72 -11.78 -9.30
N MET A 212 -14.79 -11.00 -9.12
CA MET A 212 -16.07 -11.25 -9.77
C MET A 212 -16.29 -10.02 -10.66
N TYR A 213 -16.39 -10.24 -11.96
CA TYR A 213 -16.50 -9.10 -12.88
C TYR A 213 -17.65 -9.24 -13.87
N SER A 214 -18.05 -8.11 -14.43
CA SER A 214 -19.07 -8.09 -15.45
C SER A 214 -18.60 -7.28 -16.68
N GLU A 215 -18.75 -7.89 -17.85
CA GLU A 215 -18.42 -7.27 -19.13
C GLU A 215 -19.59 -6.56 -19.77
N ASP A 216 -20.76 -6.62 -19.14
CA ASP A 216 -21.98 -6.08 -19.74
C ASP A 216 -22.80 -5.20 -18.78
N ASP A 217 -22.12 -4.39 -18.00
CA ASP A 217 -22.80 -3.46 -17.12
C ASP A 217 -23.69 -4.10 -16.07
N GLY A 218 -23.30 -5.27 -15.58
CA GLY A 218 -24.01 -5.86 -14.47
C GLY A 218 -25.08 -6.86 -14.84
N ASN A 219 -25.27 -7.10 -16.14
CA ASN A 219 -26.24 -8.10 -16.58
C ASN A 219 -25.80 -9.48 -16.16
N THR A 220 -24.54 -9.81 -16.46
CA THR A 220 -23.99 -11.10 -16.07
C THR A 220 -22.69 -10.90 -15.33
N TRP A 221 -22.33 -11.91 -14.54
CA TRP A 221 -21.15 -11.83 -13.70
C TRP A 221 -20.41 -13.11 -13.85
N LYS A 222 -19.08 -13.00 -13.75
CA LYS A 222 -18.20 -14.13 -13.84
C LYS A 222 -17.20 -14.10 -12.68
N PHE A 223 -16.87 -15.29 -12.19
CA PHE A 223 -15.86 -15.43 -11.17
C PHE A 223 -14.58 -15.80 -11.91
N ALA A 224 -13.54 -14.99 -11.78
CA ALA A 224 -12.28 -15.28 -12.44
C ALA A 224 -11.62 -16.47 -11.78
N GLU A 225 -10.73 -17.14 -12.50
CA GLU A 225 -10.21 -18.41 -12.00
C GLU A 225 -9.24 -18.31 -10.84
N GLY A 226 -8.47 -17.21 -10.75
CA GLY A 226 -7.46 -17.09 -9.71
C GLY A 226 -7.99 -16.77 -8.32
N ARG A 227 -7.11 -16.84 -7.32
CA ARG A 227 -7.51 -16.56 -5.94
C ARG A 227 -6.32 -16.26 -5.05
N SER A 228 -6.58 -15.72 -3.87
CA SER A 228 -5.50 -15.47 -2.90
C SER A 228 -5.20 -16.75 -2.11
N LYS A 229 -4.14 -16.69 -1.31
CA LYS A 229 -3.92 -17.75 -0.32
C LYS A 229 -5.12 -17.72 0.64
N PHE A 230 -5.35 -18.84 1.34
CA PHE A 230 -6.39 -18.84 2.37
C PHE A 230 -5.97 -17.84 3.47
N GLY A 231 -6.93 -17.26 4.18
CA GLY A 231 -6.64 -16.31 5.24
C GLY A 231 -6.76 -14.83 4.83
N CYS A 232 -7.01 -14.58 3.55
CA CYS A 232 -7.24 -13.22 3.06
C CYS A 232 -8.71 -12.91 3.05
N SER A 233 -9.01 -11.68 3.41
CA SER A 233 -10.38 -11.21 3.45
C SER A 233 -10.39 -9.75 3.04
N GLU A 234 -11.58 -9.13 3.10
CA GLU A 234 -11.83 -7.73 2.72
C GLU A 234 -10.85 -7.14 1.70
N PRO A 235 -10.84 -7.72 0.51
CA PRO A 235 -9.91 -7.28 -0.53
C PRO A 235 -10.36 -5.95 -1.14
N ALA A 236 -9.39 -5.07 -1.42
CA ALA A 236 -9.63 -3.84 -2.16
C ALA A 236 -8.87 -3.93 -3.49
N VAL A 237 -9.46 -3.45 -4.57
CA VAL A 237 -8.79 -3.57 -5.86
C VAL A 237 -8.71 -2.23 -6.55
N LEU A 238 -7.67 -2.05 -7.35
CA LEU A 238 -7.53 -0.88 -8.22
C LEU A 238 -6.81 -1.38 -9.45
N GLU A 239 -6.79 -0.55 -10.49
CA GLU A 239 -6.09 -0.90 -11.72
C GLU A 239 -4.82 -0.08 -11.85
N TRP A 240 -3.72 -0.74 -12.15
CA TRP A 240 -2.44 -0.05 -12.29
C TRP A 240 -1.68 -0.58 -13.51
N GLU A 241 -1.42 0.29 -14.47
CA GLU A 241 -0.62 -0.08 -15.66
C GLU A 241 -1.05 -1.39 -16.29
N GLY A 242 -2.36 -1.53 -16.51
CA GLY A 242 -2.88 -2.71 -17.17
C GLY A 242 -3.05 -3.91 -16.26
N LYS A 243 -2.98 -3.72 -14.95
CA LYS A 243 -3.15 -4.85 -14.05
C LYS A 243 -4.03 -4.53 -12.87
N LEU A 244 -4.70 -5.55 -12.38
CA LEU A 244 -5.49 -5.38 -11.19
C LEU A 244 -4.52 -5.57 -10.03
N ILE A 245 -4.58 -4.70 -9.04
CA ILE A 245 -3.80 -4.90 -7.83
C ILE A 245 -4.75 -5.17 -6.68
N ILE A 246 -4.63 -6.34 -6.06
CA ILE A 246 -5.54 -6.72 -5.00
C ILE A 246 -4.83 -6.70 -3.66
N ASN A 247 -5.33 -5.83 -2.77
CA ASN A 247 -4.74 -5.54 -1.46
C ASN A 247 -5.64 -6.13 -0.39
N ASN A 248 -5.18 -7.20 0.25
CA ASN A 248 -6.00 -7.95 1.17
C ASN A 248 -5.85 -7.68 2.66
N ARG A 249 -6.97 -7.71 3.38
CA ARG A 249 -6.95 -7.79 4.83
C ARG A 249 -6.41 -9.20 5.16
N VAL A 250 -5.54 -9.30 6.17
CA VAL A 250 -5.02 -10.57 6.64
C VAL A 250 -4.91 -10.55 8.18
N ASP A 251 -5.93 -11.08 8.85
CA ASP A 251 -5.93 -11.14 10.32
C ASP A 251 -4.74 -11.99 10.80
N GLY A 252 -3.95 -11.45 11.73
CA GLY A 252 -2.86 -12.23 12.31
C GLY A 252 -1.59 -12.46 11.51
N ASN A 253 -1.42 -11.68 10.45
CA ASN A 253 -0.18 -11.71 9.66
C ASN A 253 -0.16 -10.48 8.74
N ARG A 254 0.93 -10.29 8.02
CA ARG A 254 1.11 -9.11 7.18
C ARG A 254 0.18 -9.18 5.96
N ARG A 255 -0.13 -8.01 5.40
CA ARG A 255 -1.07 -7.96 4.31
C ARG A 255 -0.47 -8.43 2.99
N LEU A 256 -1.19 -9.34 2.35
CA LEU A 256 -0.78 -9.87 1.07
C LEU A 256 -1.39 -9.03 -0.06
N VAL A 257 -0.58 -8.75 -1.07
CA VAL A 257 -1.00 -7.99 -2.23
C VAL A 257 -0.67 -8.81 -3.46
N TYR A 258 -1.60 -8.91 -4.40
CA TYR A 258 -1.41 -9.68 -5.64
C TYR A 258 -1.62 -8.81 -6.87
N GLU A 259 -1.06 -9.24 -8.01
CA GLU A 259 -1.29 -8.55 -9.28
C GLU A 259 -1.85 -9.58 -10.29
N SER A 260 -2.70 -9.12 -11.20
CA SER A 260 -3.28 -10.00 -12.24
C SER A 260 -3.44 -9.18 -13.50
N SER A 261 -2.81 -9.66 -14.58
CA SER A 261 -2.78 -8.98 -15.87
C SER A 261 -3.89 -9.46 -16.76
N ASP A 262 -4.63 -10.46 -16.29
CA ASP A 262 -5.64 -11.07 -17.14
C ASP A 262 -7.00 -11.12 -16.45
N MET A 263 -7.42 -9.97 -15.92
CA MET A 263 -8.75 -9.85 -15.31
C MET A 263 -9.03 -10.92 -14.23
N GLY A 264 -8.00 -11.23 -13.44
CA GLY A 264 -8.14 -12.16 -12.34
C GLY A 264 -7.92 -13.64 -12.64
N LYS A 265 -7.68 -13.98 -13.89
CA LYS A 265 -7.50 -15.39 -14.25
C LYS A 265 -6.29 -15.94 -13.51
N THR A 266 -5.20 -15.20 -13.53
CA THR A 266 -4.00 -15.64 -12.86
C THR A 266 -3.51 -14.56 -11.89
N TRP A 267 -3.18 -14.96 -10.67
CA TRP A 267 -2.73 -14.03 -9.64
C TRP A 267 -1.27 -14.33 -9.34
N VAL A 268 -0.52 -13.28 -9.05
CA VAL A 268 0.88 -13.42 -8.68
C VAL A 268 1.11 -12.48 -7.50
N GLU A 269 1.74 -12.98 -6.45
CA GLU A 269 2.01 -12.13 -5.29
C GLU A 269 2.94 -10.99 -5.66
N ALA A 270 2.61 -9.78 -5.21
CA ALA A 270 3.41 -8.59 -5.55
C ALA A 270 4.64 -8.46 -4.67
N LEU A 271 5.51 -9.48 -4.71
CA LEU A 271 6.73 -9.54 -3.89
C LEU A 271 7.72 -8.44 -4.16
N GLY A 272 7.73 -7.96 -5.39
CA GLY A 272 8.67 -6.92 -5.75
C GLY A 272 8.17 -5.50 -5.55
N THR A 273 6.97 -5.34 -4.95
CA THR A 273 6.39 -4.03 -4.76
C THR A 273 5.70 -3.80 -3.41
N LEU A 274 4.48 -4.29 -3.31
CA LEU A 274 3.62 -3.96 -2.19
C LEU A 274 3.29 -5.06 -1.20
N SER A 275 3.49 -6.32 -1.58
CA SER A 275 3.11 -7.38 -0.66
C SER A 275 3.90 -7.38 0.66
N HIS A 276 3.19 -7.54 1.77
CA HIS A 276 3.80 -7.53 3.10
C HIS A 276 4.31 -6.16 3.61
N VAL A 277 4.18 -5.11 2.82
CA VAL A 277 4.56 -3.79 3.31
C VAL A 277 3.72 -3.38 4.52
N TRP A 278 2.41 -3.59 4.41
CA TRP A 278 1.48 -3.11 5.43
C TRP A 278 0.99 -4.27 6.31
N THR A 279 0.54 -3.94 7.52
CA THR A 279 0.14 -4.97 8.44
C THR A 279 -0.92 -4.42 9.41
N ASN A 280 -1.22 -5.20 10.44
CA ASN A 280 -2.36 -4.92 11.32
C ASN A 280 -2.04 -4.28 12.65
N SER A 281 -0.77 -4.20 13.00
CA SER A 281 -0.35 -3.71 14.31
C SER A 281 1.17 -3.85 14.38
N PRO A 282 1.83 -3.20 15.33
CA PRO A 282 3.29 -3.29 15.43
C PRO A 282 3.85 -4.72 15.43
N THR A 283 3.13 -5.64 16.08
CA THR A 283 3.58 -7.02 16.16
C THR A 283 2.98 -7.94 15.10
N SER A 284 2.04 -7.42 14.30
CA SER A 284 1.40 -8.16 13.21
C SER A 284 0.59 -9.40 13.56
N ASN A 285 0.36 -9.63 14.84
CA ASN A 285 -0.41 -10.79 15.30
C ASN A 285 -1.83 -10.44 15.75
N GLN A 286 -2.31 -9.29 15.34
CA GLN A 286 -3.64 -8.85 15.73
C GLN A 286 -4.64 -8.91 14.59
N GLN A 287 -5.91 -8.77 14.96
CA GLN A 287 -7.03 -8.66 14.05
C GLN A 287 -6.67 -7.54 13.10
N ASP A 288 -6.89 -7.76 11.81
CA ASP A 288 -6.59 -6.72 10.83
C ASP A 288 -7.82 -5.82 10.64
N CYS A 289 -7.75 -4.93 9.66
CA CYS A 289 -8.79 -3.94 9.45
C CYS A 289 -8.93 -3.68 7.97
N GLN A 290 -10.13 -3.26 7.58
CA GLN A 290 -10.37 -2.85 6.20
C GLN A 290 -9.52 -1.61 5.83
N SER A 291 -9.17 -1.49 4.55
CA SER A 291 -8.35 -0.40 4.01
C SER A 291 -8.97 0.10 2.73
N SER A 292 -8.83 1.39 2.45
CA SER A 292 -9.30 1.86 1.16
C SER A 292 -8.05 1.83 0.31
N PHE A 293 -8.22 1.62 -1.00
CA PHE A 293 -7.08 1.49 -1.92
C PHE A 293 -7.59 2.03 -3.24
N VAL A 294 -7.10 3.23 -3.61
CA VAL A 294 -7.69 3.94 -4.73
C VAL A 294 -6.63 4.58 -5.63
N ALA A 295 -6.82 4.47 -6.94
CA ALA A 295 -5.90 5.12 -7.85
C ALA A 295 -6.41 6.52 -8.18
N VAL A 296 -5.51 7.50 -8.13
CA VAL A 296 -5.83 8.90 -8.45
C VAL A 296 -4.70 9.53 -9.27
N THR A 297 -4.96 10.73 -9.80
CA THR A 297 -3.97 11.44 -10.55
C THR A 297 -3.77 12.77 -9.88
N ILE A 298 -2.52 13.02 -9.48
CA ILE A 298 -2.18 14.23 -8.78
C ILE A 298 -1.00 14.91 -9.46
N GLU A 299 -1.15 16.19 -9.77
CA GLU A 299 -0.13 16.94 -10.50
C GLU A 299 0.28 16.17 -11.75
N GLY A 300 -0.71 15.61 -12.45
CA GLY A 300 -0.45 14.86 -13.66
C GLY A 300 0.17 13.48 -13.50
N LYS A 301 0.44 13.05 -12.28
CA LYS A 301 1.01 11.72 -12.08
C LYS A 301 0.00 10.74 -11.45
N ARG A 302 -0.09 9.55 -12.00
CA ARG A 302 -0.96 8.53 -11.46
C ARG A 302 -0.31 7.96 -10.20
N VAL A 303 -1.04 7.95 -9.08
CA VAL A 303 -0.54 7.33 -7.87
C VAL A 303 -1.62 6.49 -7.16
N MET A 304 -1.21 5.73 -6.15
CA MET A 304 -2.19 4.96 -5.37
C MET A 304 -2.26 5.49 -3.94
N LEU A 305 -3.47 5.56 -3.40
CA LEU A 305 -3.68 6.00 -2.03
C LEU A 305 -4.16 4.80 -1.22
N PHE A 306 -3.57 4.63 -0.04
CA PHE A 306 -3.88 3.52 0.85
C PHE A 306 -4.09 4.02 2.28
N THR A 307 -5.15 3.56 2.93
CA THR A 307 -5.42 3.98 4.30
C THR A 307 -5.44 2.78 5.24
N HIS A 308 -4.95 2.96 6.47
CA HIS A 308 -4.95 1.90 7.47
C HIS A 308 -4.50 2.45 8.81
N PRO A 309 -5.15 1.98 9.86
CA PRO A 309 -4.80 2.35 11.22
C PRO A 309 -3.46 1.71 11.65
N LEU A 310 -2.71 2.38 12.53
CA LEU A 310 -1.50 1.78 13.07
C LEU A 310 -1.92 0.75 14.11
N ASN A 311 -3.05 1.03 14.78
CA ASN A 311 -3.63 0.12 15.76
C ASN A 311 -2.61 -0.21 16.85
N LEU A 312 -2.00 0.84 17.39
CA LEU A 312 -1.03 0.67 18.46
C LEU A 312 -1.71 0.09 19.71
N LYS A 313 -3.02 0.29 19.84
CA LYS A 313 -3.76 -0.23 20.98
C LYS A 313 -4.06 -1.72 20.86
N GLY A 314 -4.06 -2.24 19.63
CA GLY A 314 -4.37 -3.64 19.43
C GLY A 314 -5.84 -3.97 19.24
N ARG A 315 -6.08 -5.21 18.82
CA ARG A 315 -7.44 -5.71 18.62
C ARG A 315 -8.24 -4.82 17.68
N TRP A 316 -9.48 -4.49 18.03
CA TRP A 316 -10.32 -3.69 17.13
C TRP A 316 -10.23 -2.17 17.38
N MET A 317 -9.40 -1.74 18.33
CA MET A 317 -9.29 -0.30 18.66
C MET A 317 -8.99 0.53 17.41
N ARG A 318 -8.00 0.09 16.63
CA ARG A 318 -7.77 0.70 15.32
C ARG A 318 -7.48 2.19 15.37
N ASP A 319 -6.57 2.55 16.28
CA ASP A 319 -6.20 3.93 16.45
C ASP A 319 -5.21 4.36 15.38
N ARG A 320 -5.16 5.66 15.16
CA ARG A 320 -4.13 6.28 14.34
C ARG A 320 -4.20 5.88 12.88
N LEU A 321 -5.29 6.26 12.25
CA LEU A 321 -5.48 6.01 10.84
C LEU A 321 -4.46 6.80 10.06
N HIS A 322 -3.69 6.11 9.22
CA HIS A 322 -2.72 6.75 8.35
C HIS A 322 -3.11 6.66 6.87
N LEU A 323 -2.51 7.54 6.08
CA LEU A 323 -2.70 7.60 4.64
C LEU A 323 -1.35 7.47 3.98
N TRP A 324 -1.21 6.54 3.04
CA TRP A 324 0.04 6.42 2.31
C TRP A 324 -0.22 6.67 0.85
N MET A 325 0.82 7.11 0.15
CA MET A 325 0.71 7.38 -1.27
C MET A 325 1.89 6.72 -1.94
N THR A 326 1.62 5.93 -2.97
CA THR A 326 2.69 5.23 -3.67
C THR A 326 2.53 5.25 -5.18
N ASP A 327 3.64 5.25 -5.89
CA ASP A 327 3.59 5.10 -7.36
C ASP A 327 4.12 3.70 -7.76
N ASN A 328 3.98 2.73 -6.86
CA ASN A 328 4.44 1.35 -7.11
C ASN A 328 5.95 1.21 -7.02
N GLN A 329 6.64 2.29 -6.64
CA GLN A 329 8.09 2.23 -6.41
C GLN A 329 8.33 2.86 -5.03
N ARG A 330 8.13 4.18 -4.93
CA ARG A 330 8.28 4.86 -3.66
C ARG A 330 6.97 4.77 -2.91
N ILE A 331 7.06 4.81 -1.58
CA ILE A 331 5.88 4.76 -0.74
C ILE A 331 6.05 5.82 0.32
N PHE A 332 5.17 6.82 0.28
CA PHE A 332 5.25 7.98 1.16
C PHE A 332 4.15 7.95 2.20
N ASP A 333 4.54 8.15 3.45
CA ASP A 333 3.56 8.19 4.52
C ASP A 333 3.06 9.66 4.66
N VAL A 334 1.86 9.92 4.14
CA VAL A 334 1.32 11.26 4.19
C VAL A 334 1.15 11.67 5.64
N GLY A 335 0.84 10.69 6.49
CA GLY A 335 0.69 10.94 7.92
C GLY A 335 -0.62 10.44 8.48
N GLN A 336 -0.91 10.88 9.71
CA GLN A 336 -2.12 10.50 10.43
C GLN A 336 -3.28 11.40 10.08
N ILE A 337 -4.37 10.82 9.58
CA ILE A 337 -5.55 11.61 9.26
C ILE A 337 -6.63 11.57 10.36
N SER A 338 -6.56 10.60 11.28
CA SER A 338 -7.43 10.65 12.47
C SER A 338 -6.84 11.63 13.50
N ILE A 339 -7.51 11.83 14.63
CA ILE A 339 -7.05 12.85 15.59
C ILE A 339 -6.50 12.28 16.89
N GLY A 340 -5.27 12.66 17.21
CA GLY A 340 -4.62 12.21 18.42
C GLY A 340 -4.69 10.72 18.53
N ASP A 341 -4.99 10.23 19.73
CA ASP A 341 -5.06 8.81 19.89
C ASP A 341 -6.47 8.23 19.88
N GLU A 342 -7.40 8.90 19.18
CA GLU A 342 -8.77 8.36 19.09
C GLU A 342 -8.76 6.99 18.37
N ASN A 343 -9.76 6.17 18.68
CA ASN A 343 -9.95 4.92 17.99
C ASN A 343 -10.65 5.22 16.67
N SER A 344 -10.12 4.75 15.55
CA SER A 344 -10.77 5.02 14.28
C SER A 344 -11.35 3.72 13.74
N GLY A 345 -10.90 3.27 12.57
CA GLY A 345 -11.34 2.00 12.01
C GLY A 345 -11.44 1.99 10.49
N TYR A 346 -12.59 1.56 9.96
CA TYR A 346 -12.77 1.45 8.51
C TYR A 346 -12.76 2.84 7.87
N SER A 347 -12.30 2.93 6.62
CA SER A 347 -12.15 4.22 6.01
C SER A 347 -12.37 4.25 4.50
N SER A 348 -12.43 5.48 3.97
CA SER A 348 -12.67 5.72 2.57
C SER A 348 -11.94 7.03 2.20
N VAL A 349 -11.35 7.12 1.00
CA VAL A 349 -10.73 8.36 0.52
C VAL A 349 -11.23 8.71 -0.88
N LEU A 350 -11.33 10.00 -1.17
CA LEU A 350 -11.87 10.44 -2.45
C LEU A 350 -11.21 11.74 -2.88
N TYR A 351 -10.76 11.77 -4.13
CA TYR A 351 -10.16 12.95 -4.73
C TYR A 351 -11.20 13.39 -5.75
N LYS A 352 -11.74 14.58 -5.56
CA LYS A 352 -12.82 15.08 -6.42
C LYS A 352 -12.61 16.57 -6.70
N ASP A 353 -12.59 16.92 -7.97
CA ASP A 353 -12.36 18.30 -8.38
C ASP A 353 -11.19 18.91 -7.62
N ASP A 354 -10.06 18.22 -7.64
CA ASP A 354 -8.82 18.72 -7.04
C ASP A 354 -8.93 18.99 -5.53
N LYS A 355 -9.79 18.24 -4.87
CA LYS A 355 -9.90 18.33 -3.40
C LYS A 355 -9.91 16.91 -2.80
N LEU A 356 -9.24 16.73 -1.66
CA LEU A 356 -9.15 15.41 -1.03
C LEU A 356 -10.03 15.26 0.22
N TYR A 357 -10.72 14.14 0.33
CA TYR A 357 -11.60 13.91 1.46
C TYR A 357 -11.47 12.51 2.01
N SER A 358 -11.91 12.32 3.25
CA SER A 358 -12.03 10.97 3.76
C SER A 358 -13.36 10.83 4.49
N LEU A 359 -13.95 9.64 4.45
CA LEU A 359 -15.08 9.31 5.32
C LEU A 359 -14.57 8.12 6.14
N HIS A 360 -14.52 8.27 7.45
CA HIS A 360 -14.00 7.15 8.25
C HIS A 360 -14.62 7.05 9.63
N GLU A 361 -14.44 5.88 10.24
CA GLU A 361 -15.02 5.60 11.54
C GLU A 361 -14.27 6.27 12.68
N ILE A 362 -15.04 6.65 13.70
CA ILE A 362 -14.45 7.01 14.99
C ILE A 362 -15.27 6.22 16.00
N ASN A 363 -14.59 5.74 17.03
CA ASN A 363 -15.20 4.81 17.97
C ASN A 363 -14.91 5.19 19.42
N THR A 364 -15.97 5.45 20.17
CA THR A 364 -15.83 5.60 21.62
C THR A 364 -16.75 4.58 22.27
N ASN A 365 -16.16 3.66 23.03
CA ASN A 365 -16.93 2.64 23.72
C ASN A 365 -17.84 1.82 22.80
N ASP A 366 -17.33 1.58 21.59
CA ASP A 366 -18.02 0.77 20.61
C ASP A 366 -19.37 1.33 20.14
N VAL A 367 -19.43 2.65 20.11
CA VAL A 367 -20.53 3.41 19.52
C VAL A 367 -19.80 4.17 18.44
N TYR A 368 -20.23 4.05 17.19
CA TYR A 368 -19.42 4.57 16.10
C TYR A 368 -20.08 5.66 15.27
N SER A 369 -19.31 6.70 14.93
CA SER A 369 -19.75 7.73 14.01
C SER A 369 -18.85 7.71 12.79
N LEU A 370 -19.29 8.40 11.73
CA LEU A 370 -18.44 8.57 10.55
C LEU A 370 -18.15 10.05 10.39
N VAL A 371 -16.87 10.40 10.35
CA VAL A 371 -16.48 11.78 10.17
C VAL A 371 -16.12 11.95 8.71
N PHE A 372 -16.44 13.13 8.18
CA PHE A 372 -16.19 13.48 6.79
C PHE A 372 -15.14 14.55 6.89
N VAL A 373 -13.98 14.21 6.33
CA VAL A 373 -12.77 14.97 6.53
C VAL A 373 -12.31 15.69 5.27
N ARG A 374 -11.84 16.92 5.42
CA ARG A 374 -11.32 17.68 4.30
C ARG A 374 -9.82 17.63 4.47
N LEU A 375 -9.15 16.86 3.60
CA LEU A 375 -7.71 16.67 3.73
C LEU A 375 -6.96 17.76 2.98
N ILE A 376 -7.04 18.98 3.51
CA ILE A 376 -6.39 20.15 2.91
C ILE A 376 -4.88 20.10 3.03
N GLY A 377 -4.40 20.00 4.26
CA GLY A 377 -2.97 19.95 4.49
C GLY A 377 -2.36 18.74 3.80
N GLU A 378 -2.95 17.56 4.02
CA GLU A 378 -2.45 16.33 3.39
C GLU A 378 -2.21 16.44 1.87
N LEU A 379 -3.19 16.99 1.16
CA LEU A 379 -3.12 17.17 -0.28
C LEU A 379 -1.98 18.12 -0.66
N GLN A 380 -1.77 19.16 0.14
CA GLN A 380 -0.67 20.07 -0.12
C GLN A 380 0.69 19.31 -0.03
N LEU A 381 0.85 18.49 1.00
CA LEU A 381 2.07 17.70 1.16
C LEU A 381 2.19 16.72 -0.01
N MET A 382 1.10 16.02 -0.30
CA MET A 382 1.05 15.09 -1.44
C MET A 382 1.49 15.73 -2.75
N LYS A 383 0.92 16.89 -3.06
CA LYS A 383 1.31 17.59 -4.29
C LYS A 383 2.79 17.90 -4.29
N SER A 384 3.31 18.34 -3.15
CA SER A 384 4.74 18.65 -3.09
C SER A 384 5.60 17.40 -3.36
N VAL A 385 5.23 16.27 -2.76
CA VAL A 385 5.99 15.03 -2.97
C VAL A 385 5.94 14.55 -4.42
N VAL A 386 4.76 14.62 -5.01
CA VAL A 386 4.60 14.23 -6.41
C VAL A 386 5.51 15.10 -7.30
N ARG A 387 5.50 16.40 -7.07
CA ARG A 387 6.41 17.29 -7.80
C ARG A 387 7.88 16.90 -7.59
N THR A 388 8.25 16.57 -6.36
CA THR A 388 9.62 16.09 -6.16
C THR A 388 9.91 14.84 -7.02
N TRP A 389 9.00 13.88 -7.01
CA TRP A 389 9.20 12.66 -7.78
C TRP A 389 9.35 12.92 -9.30
N LYS A 390 8.39 13.66 -9.88
CA LYS A 390 8.44 13.99 -11.31
C LYS A 390 9.73 14.72 -11.67
N GLU A 391 10.09 15.68 -10.84
CA GLU A 391 11.25 16.51 -11.15
C GLU A 391 12.55 15.72 -11.12
N GLU A 392 12.75 14.88 -10.11
CA GLU A 392 13.98 14.12 -10.10
C GLU A 392 14.02 13.08 -11.21
N ASP A 393 12.89 12.41 -11.44
CA ASP A 393 12.82 11.39 -12.47
C ASP A 393 13.12 12.06 -13.82
N ASN A 394 12.48 13.19 -14.09
CA ASN A 394 12.70 13.88 -15.36
C ASN A 394 14.13 14.37 -15.48
N HIS A 395 14.69 14.86 -14.38
CA HIS A 395 16.07 15.31 -14.42
C HIS A 395 16.97 14.13 -14.80
N LEU A 396 16.86 13.00 -14.10
CA LEU A 396 17.75 11.88 -14.42
C LEU A 396 17.50 11.36 -15.83
N ALA A 397 16.23 11.25 -16.20
CA ALA A 397 15.87 10.76 -17.54
C ALA A 397 16.38 11.68 -18.66
N SER A 398 16.69 12.92 -18.32
CA SER A 398 17.08 13.87 -19.37
C SER A 398 18.60 14.02 -19.53
N ILE A 399 19.36 13.40 -18.64
CA ILE A 399 20.81 13.46 -18.73
C ILE A 399 21.32 12.76 -20.00
N CYS A 400 22.26 13.40 -20.69
CA CYS A 400 22.90 12.85 -21.87
C CYS A 400 24.06 11.95 -21.43
N THR A 401 23.87 10.64 -21.43
CA THR A 401 24.97 9.76 -21.02
C THR A 401 25.83 9.41 -22.24
N PRO A 402 27.07 9.01 -21.97
CA PRO A 402 28.00 8.64 -23.04
C PRO A 402 27.50 7.58 -24.02
N VAL A 403 27.68 7.84 -25.31
CA VAL A 403 27.35 6.85 -26.32
C VAL A 403 28.37 5.73 -26.19
N VAL A 404 27.92 4.50 -26.33
CA VAL A 404 28.84 3.39 -26.17
C VAL A 404 29.16 2.73 -27.51
N PRO A 405 30.36 2.15 -27.62
CA PRO A 405 30.80 1.49 -28.86
C PRO A 405 29.79 0.49 -29.33
N ALA A 406 29.39 0.56 -30.59
CA ALA A 406 28.37 -0.36 -31.11
C ALA A 406 28.92 -1.24 -32.23
N GLY A 413 22.45 11.52 -30.05
CA GLY A 413 23.54 12.26 -29.41
C GLY A 413 24.01 11.58 -28.10
N CYS A 414 23.14 10.78 -27.52
CA CYS A 414 23.40 10.28 -26.19
C CYS A 414 23.33 8.76 -26.08
N GLY A 415 23.77 8.22 -24.96
CA GLY A 415 23.66 6.79 -24.70
C GLY A 415 22.29 6.50 -24.10
N ALA A 416 22.07 5.29 -23.61
CA ALA A 416 20.78 5.01 -22.99
C ALA A 416 20.58 5.89 -21.74
N ALA A 417 19.33 6.18 -21.44
CA ALA A 417 18.99 7.02 -20.30
C ALA A 417 19.45 6.43 -19.00
N VAL A 418 19.79 7.31 -18.07
CA VAL A 418 20.01 6.92 -16.71
C VAL A 418 18.70 6.29 -16.23
N PRO A 419 18.76 5.00 -15.90
CA PRO A 419 17.59 4.21 -15.50
C PRO A 419 16.76 4.81 -14.36
N THR A 420 15.45 5.02 -14.56
CA THR A 420 14.57 5.53 -13.53
C THR A 420 13.38 4.60 -13.21
N ALA A 421 13.07 3.66 -14.09
CA ALA A 421 11.97 2.74 -13.81
C ALA A 421 12.43 1.84 -12.67
N GLY A 422 11.60 1.75 -11.63
CA GLY A 422 11.90 0.92 -10.47
C GLY A 422 12.89 1.58 -9.49
N LEU A 423 13.24 2.84 -9.76
CA LEU A 423 14.15 3.58 -8.87
C LEU A 423 13.39 3.97 -7.61
N VAL A 424 13.76 3.38 -6.48
CA VAL A 424 13.03 3.57 -5.22
C VAL A 424 13.51 4.67 -4.27
N GLY A 425 14.82 4.71 -4.01
CA GLY A 425 15.41 5.68 -3.12
C GLY A 425 16.76 6.14 -3.66
N PHE A 426 17.25 7.27 -3.16
CA PHE A 426 18.47 7.90 -3.69
C PHE A 426 19.05 8.75 -2.57
N LEU A 427 20.28 8.45 -2.16
CA LEU A 427 20.96 9.24 -1.14
C LEU A 427 22.06 9.97 -1.87
N SER A 428 22.00 11.29 -1.81
CA SER A 428 22.96 12.08 -2.55
C SER A 428 23.47 13.25 -1.69
N HIS A 429 23.30 14.47 -2.16
CA HIS A 429 23.95 15.61 -1.51
C HIS A 429 23.38 15.99 -0.14
N SER A 430 22.07 16.13 -0.09
CA SER A 430 21.42 16.59 1.12
C SER A 430 21.59 15.63 2.32
N ALA A 431 22.24 16.14 3.37
CA ALA A 431 22.52 15.40 4.59
C ALA A 431 22.62 16.44 5.70
N ASN A 432 22.15 16.09 6.89
CA ASN A 432 22.10 17.04 8.00
C ASN A 432 22.00 16.34 9.34
N GLY A 433 23.01 16.59 10.18
CA GLY A 433 23.08 15.96 11.49
C GLY A 433 23.22 14.45 11.39
N SER A 434 22.20 13.73 11.83
CA SER A 434 22.31 12.28 11.83
C SER A 434 21.47 11.63 10.73
N VAL A 435 21.15 12.42 9.71
CA VAL A 435 20.24 12.01 8.66
C VAL A 435 20.82 12.20 7.24
N TRP A 436 20.72 11.18 6.40
CA TRP A 436 21.13 11.27 5.00
C TRP A 436 19.79 11.21 4.27
N GLU A 437 19.43 12.29 3.59
CA GLU A 437 18.08 12.37 3.07
C GLU A 437 17.79 11.64 1.75
N ASP A 438 16.65 10.96 1.74
CA ASP A 438 16.17 10.28 0.55
C ASP A 438 15.77 11.39 -0.39
N VAL A 439 16.37 11.44 -1.57
CA VAL A 439 15.95 12.46 -2.53
C VAL A 439 14.45 12.29 -2.84
N TYR A 440 13.95 11.08 -2.70
CA TYR A 440 12.57 10.80 -3.01
C TYR A 440 11.63 10.98 -1.82
N ARG A 441 12.20 11.43 -0.69
CA ARG A 441 11.44 11.85 0.50
C ARG A 441 10.64 10.79 1.24
N CYS A 442 11.02 9.53 1.09
CA CYS A 442 10.29 8.47 1.77
C CYS A 442 11.07 7.83 2.91
N VAL A 443 12.27 7.32 2.65
CA VAL A 443 13.04 6.64 3.69
C VAL A 443 14.46 7.16 3.74
N ASP A 444 14.79 7.89 4.79
CA ASP A 444 16.12 8.41 5.00
C ASP A 444 16.99 7.33 5.62
N ALA A 445 18.30 7.56 5.55
CA ALA A 445 19.28 6.71 6.20
C ALA A 445 19.79 7.41 7.45
N ASN A 446 20.09 6.63 8.49
CA ASN A 446 20.61 7.14 9.75
C ASN A 446 22.14 7.08 9.73
N VAL A 447 22.76 8.15 10.21
CA VAL A 447 24.18 8.38 10.04
C VAL A 447 24.93 8.52 11.35
N ALA A 448 26.19 8.12 11.38
CA ALA A 448 27.07 8.35 12.52
C ALA A 448 28.50 8.58 12.06
N ASN A 449 29.24 9.40 12.81
CA ASN A 449 30.65 9.67 12.53
C ASN A 449 30.96 9.97 11.07
N ALA A 450 30.26 10.96 10.53
CA ALA A 450 30.40 11.35 9.13
C ALA A 450 30.63 12.83 8.92
N GLU A 451 31.23 13.15 7.79
CA GLU A 451 31.44 14.53 7.39
C GLU A 451 30.95 14.67 5.97
N ARG A 452 30.26 15.76 5.70
CA ARG A 452 29.69 15.96 4.39
C ARG A 452 30.72 16.21 3.30
N VAL A 453 30.50 15.60 2.13
CA VAL A 453 31.29 15.88 0.94
C VAL A 453 30.27 16.03 -0.18
N PRO A 454 30.70 16.51 -1.33
CA PRO A 454 29.77 16.67 -2.46
C PRO A 454 29.08 15.35 -2.78
N ASN A 455 27.75 15.36 -2.72
CA ASN A 455 26.91 14.21 -3.03
C ASN A 455 26.97 13.04 -2.06
N GLY A 456 27.44 13.26 -0.84
CA GLY A 456 27.49 12.14 0.08
C GLY A 456 28.28 12.38 1.35
N LEU A 457 28.87 11.30 1.86
CA LEU A 457 29.48 11.33 3.17
C LEU A 457 30.82 10.60 3.25
N LYS A 458 31.70 11.16 4.05
CA LYS A 458 32.99 10.58 4.32
C LYS A 458 32.93 10.07 5.76
N PHE A 459 33.29 8.82 5.98
CA PHE A 459 33.18 8.26 7.33
C PHE A 459 34.48 8.19 8.07
N ASN A 460 34.43 8.59 9.33
CA ASN A 460 35.61 8.49 10.15
C ASN A 460 35.23 8.35 11.62
N GLY A 461 35.51 7.20 12.19
CA GLY A 461 35.22 6.97 13.58
C GLY A 461 34.45 5.68 13.74
N VAL A 462 34.45 5.17 14.96
CA VAL A 462 33.75 3.96 15.35
C VAL A 462 32.33 3.99 14.91
N GLY A 463 31.91 2.99 14.12
CA GLY A 463 30.54 2.99 13.62
C GLY A 463 30.30 4.05 12.54
N GLY A 464 31.39 4.57 11.96
CA GLY A 464 31.21 5.54 10.89
C GLY A 464 30.43 4.88 9.76
N GLY A 465 29.33 5.48 9.33
CA GLY A 465 28.54 4.85 8.29
C GLY A 465 27.07 5.22 8.35
N ALA A 466 26.27 4.57 7.49
CA ALA A 466 24.85 4.87 7.43
C ALA A 466 24.04 3.59 7.37
N VAL A 467 22.85 3.64 7.97
CA VAL A 467 21.93 2.52 8.01
C VAL A 467 20.70 2.93 7.26
N TRP A 468 20.39 2.18 6.19
CA TRP A 468 19.19 2.47 5.39
C TRP A 468 18.22 1.37 5.81
N PRO A 469 17.22 1.69 6.65
CA PRO A 469 16.41 0.64 7.30
C PRO A 469 15.53 -0.13 6.32
N VAL A 470 15.49 -1.45 6.55
CA VAL A 470 14.62 -2.33 5.77
C VAL A 470 13.64 -2.92 6.79
N ALA A 471 13.89 -4.11 7.34
CA ALA A 471 13.02 -4.59 8.43
C ALA A 471 13.01 -3.59 9.60
N ARG A 472 14.13 -2.88 9.76
CA ARG A 472 14.26 -1.87 10.82
C ARG A 472 13.31 -0.67 10.64
N GLN A 473 12.57 -0.61 9.53
CA GLN A 473 11.53 0.40 9.41
C GLN A 473 10.45 0.10 10.48
N GLY A 474 10.35 -1.16 10.89
CA GLY A 474 9.40 -1.51 11.94
C GLY A 474 8.07 -2.09 11.45
N GLN A 475 6.98 -1.41 11.80
CA GLN A 475 5.63 -1.89 11.46
C GLN A 475 5.39 -1.89 9.96
N THR A 476 5.58 -0.74 9.32
CA THR A 476 5.32 -0.64 7.89
C THR A 476 6.67 -0.77 7.19
N ARG A 477 6.83 -1.78 6.34
CA ARG A 477 8.12 -2.08 5.73
C ARG A 477 8.15 -1.77 4.23
N ARG A 478 8.51 -0.55 3.90
CA ARG A 478 8.41 -0.06 2.54
C ARG A 478 9.49 -0.58 1.63
N TYR A 479 10.56 -1.13 2.20
CA TYR A 479 11.63 -1.73 1.40
C TYR A 479 11.54 -3.28 1.45
N GLN A 480 10.36 -3.80 1.78
CA GLN A 480 10.12 -5.24 1.85
C GLN A 480 10.41 -5.93 0.52
N PHE A 481 10.28 -5.19 -0.58
CA PHE A 481 10.59 -5.75 -1.89
C PHE A 481 12.00 -6.29 -1.97
N ALA A 482 12.94 -5.70 -1.23
CA ALA A 482 14.35 -6.09 -1.38
C ALA A 482 14.64 -7.55 -1.04
N ASN A 483 13.78 -8.15 -0.22
CA ASN A 483 13.93 -9.56 0.16
C ASN A 483 13.73 -10.47 -1.04
N TYR A 484 13.11 -9.92 -2.06
CA TYR A 484 12.83 -10.64 -3.30
C TYR A 484 13.81 -10.25 -4.40
N ARG A 485 14.09 -8.95 -4.53
CA ARG A 485 15.06 -8.51 -5.51
C ARG A 485 15.41 -7.05 -5.25
N PHE A 486 16.65 -6.69 -5.53
CA PHE A 486 17.07 -5.27 -5.48
C PHE A 486 18.32 -5.04 -6.29
N THR A 487 18.61 -3.76 -6.56
CA THR A 487 19.90 -3.35 -7.07
C THR A 487 20.30 -2.16 -6.18
N LEU A 488 21.50 -2.21 -5.63
CA LEU A 488 21.98 -1.14 -4.78
C LEU A 488 23.25 -0.66 -5.43
N VAL A 489 23.31 0.66 -5.68
CA VAL A 489 24.41 1.26 -6.42
C VAL A 489 25.09 2.35 -5.61
N ALA A 490 26.39 2.52 -5.76
CA ALA A 490 27.08 3.59 -5.04
C ALA A 490 28.44 3.86 -5.65
N THR A 491 28.94 5.09 -5.44
CA THR A 491 30.27 5.49 -5.86
C THR A 491 31.07 5.59 -4.59
N VAL A 492 32.29 5.04 -4.58
CA VAL A 492 33.07 5.02 -3.37
C VAL A 492 34.59 5.30 -3.56
N THR A 493 35.23 5.70 -2.46
CA THR A 493 36.69 5.70 -2.44
C THR A 493 37.08 5.09 -1.11
N ILE A 494 38.16 4.34 -1.11
CA ILE A 494 38.68 3.82 0.14
C ILE A 494 39.75 4.82 0.56
N ASP A 495 39.59 5.41 1.73
CA ASP A 495 40.45 6.52 2.15
C ASP A 495 41.66 6.10 2.97
N GLU A 496 41.53 5.02 3.72
CA GLU A 496 42.63 4.49 4.51
C GLU A 496 42.58 2.96 4.53
N LEU A 497 43.75 2.35 4.58
CA LEU A 497 43.82 0.90 4.63
C LEU A 497 43.25 0.39 5.93
N PRO A 498 42.48 -0.67 5.82
CA PRO A 498 41.90 -1.34 6.98
C PRO A 498 42.93 -2.23 7.66
N LYS A 499 42.69 -2.56 8.92
CA LYS A 499 43.57 -3.47 9.66
C LYS A 499 43.54 -4.86 9.03
N GLY A 500 42.34 -5.37 8.75
CA GLY A 500 42.16 -6.67 8.15
C GLY A 500 41.15 -6.54 7.03
N THR A 501 39.89 -6.81 7.34
CA THR A 501 38.80 -6.73 6.40
C THR A 501 37.78 -5.73 6.99
N SER A 502 37.27 -4.82 6.16
CA SER A 502 36.31 -3.84 6.63
C SER A 502 35.12 -3.73 5.64
N PRO A 503 33.93 -3.46 6.16
CA PRO A 503 32.71 -3.40 5.34
C PRO A 503 32.59 -2.10 4.53
N LEU A 504 31.99 -2.19 3.35
CA LEU A 504 31.84 -1.02 2.48
C LEU A 504 30.35 -0.80 2.10
N LEU A 505 29.68 -1.85 1.66
CA LEU A 505 28.28 -1.73 1.20
C LEU A 505 27.58 -3.09 1.24
N GLY A 506 26.31 -3.11 1.61
CA GLY A 506 25.61 -4.39 1.61
C GLY A 506 24.21 -4.44 2.23
N ALA A 507 23.68 -5.67 2.28
CA ALA A 507 22.38 -5.93 2.88
C ALA A 507 22.58 -6.86 4.08
N GLY A 508 22.21 -6.39 5.26
CA GLY A 508 22.35 -7.21 6.45
C GLY A 508 21.09 -8.00 6.69
N LEU A 509 21.17 -9.07 7.47
CA LEU A 509 19.98 -9.87 7.76
C LEU A 509 19.59 -9.79 9.22
N GLU A 510 18.29 -9.81 9.48
CA GLU A 510 17.79 -9.90 10.85
C GLU A 510 18.28 -11.23 11.41
N GLY A 511 18.44 -11.29 12.72
CA GLY A 511 18.82 -12.55 13.32
C GLY A 511 20.10 -12.50 14.12
N PRO A 512 20.44 -13.65 14.69
CA PRO A 512 21.61 -13.78 15.56
C PRO A 512 22.84 -13.70 14.68
N GLY A 513 23.94 -13.21 15.22
CA GLY A 513 25.14 -13.11 14.45
C GLY A 513 25.11 -11.78 13.74
N ASP A 514 25.92 -11.67 12.69
CA ASP A 514 26.05 -10.44 11.94
C ASP A 514 26.08 -10.90 10.50
N ALA A 515 25.03 -11.59 10.08
CA ALA A 515 24.93 -12.19 8.77
C ALA A 515 24.51 -11.20 7.67
N LYS A 516 24.99 -11.45 6.47
CA LYS A 516 24.68 -10.60 5.33
C LYS A 516 24.08 -11.39 4.20
N LEU A 517 23.11 -10.83 3.52
CA LEU A 517 22.56 -11.47 2.33
C LEU A 517 23.54 -11.32 1.18
N LEU A 518 24.00 -10.09 0.96
CA LEU A 518 24.92 -9.78 -0.13
C LEU A 518 25.64 -8.48 0.20
N GLY A 519 26.94 -8.40 -0.10
CA GLY A 519 27.69 -7.20 0.21
C GLY A 519 29.09 -7.18 -0.32
N LEU A 520 29.79 -6.09 0.00
CA LEU A 520 31.16 -5.94 -0.43
C LEU A 520 32.00 -5.34 0.67
N SER A 521 33.12 -6.00 0.94
CA SER A 521 34.13 -5.55 1.86
C SER A 521 35.45 -5.42 1.08
N TYR A 522 36.50 -4.97 1.77
CA TYR A 522 37.80 -4.70 1.17
C TYR A 522 38.84 -5.00 2.25
N ASP A 523 40.09 -5.32 1.87
CA ASP A 523 41.06 -5.72 2.89
C ASP A 523 42.42 -5.03 2.86
N LYS A 524 43.29 -5.40 3.81
CA LYS A 524 44.61 -4.80 4.01
C LYS A 524 45.55 -5.09 2.82
N ASN A 525 45.24 -6.10 2.03
CA ASN A 525 46.03 -6.42 0.83
C ASN A 525 45.53 -5.68 -0.42
N ARG A 526 44.58 -4.76 -0.22
CA ARG A 526 44.00 -4.02 -1.32
C ARG A 526 43.20 -4.91 -2.28
N GLN A 527 42.51 -5.89 -1.71
CA GLN A 527 41.66 -6.75 -2.51
C GLN A 527 40.20 -6.61 -2.11
N TRP A 528 39.30 -6.93 -3.04
CA TRP A 528 37.89 -6.92 -2.74
C TRP A 528 37.47 -8.21 -2.07
N ARG A 529 36.49 -8.10 -1.18
CA ARG A 529 35.91 -9.27 -0.55
C ARG A 529 34.40 -9.21 -0.66
N PRO A 530 33.89 -9.68 -1.79
CA PRO A 530 32.44 -9.74 -2.03
C PRO A 530 31.87 -10.80 -1.12
N LEU A 531 30.67 -10.57 -0.60
CA LEU A 531 30.03 -11.46 0.33
C LEU A 531 28.75 -11.98 -0.30
N TYR A 532 28.67 -13.29 -0.43
CA TYR A 532 27.51 -13.89 -1.09
C TYR A 532 26.79 -14.75 -0.12
N GLY A 533 25.80 -14.19 0.56
CA GLY A 533 25.05 -14.98 1.51
C GLY A 533 25.99 -15.45 2.59
N ALA A 534 25.97 -16.73 2.90
CA ALA A 534 26.77 -17.19 4.04
C ALA A 534 28.10 -17.86 3.70
N ALA A 535 28.46 -17.88 2.42
CA ALA A 535 29.72 -18.46 1.95
C ALA A 535 30.92 -17.64 2.41
N PRO A 536 32.07 -18.30 2.58
CA PRO A 536 33.30 -17.61 3.01
C PRO A 536 33.66 -16.52 2.02
N ALA A 537 33.86 -15.29 2.50
CA ALA A 537 34.19 -14.16 1.64
C ALA A 537 35.67 -14.14 1.25
N SER A 538 36.01 -14.84 0.16
CA SER A 538 37.39 -14.92 -0.32
C SER A 538 37.82 -13.75 -1.21
N PRO A 539 39.05 -13.30 -1.02
CA PRO A 539 39.58 -12.12 -1.75
C PRO A 539 39.74 -12.28 -3.26
N THR A 540 39.58 -11.18 -3.99
CA THR A 540 39.73 -11.19 -5.42
C THR A 540 40.09 -9.79 -5.89
N GLY A 541 40.72 -9.69 -7.05
CA GLY A 541 40.98 -8.40 -7.68
C GLY A 541 41.97 -7.49 -6.99
N SER A 542 41.94 -6.21 -7.34
CA SER A 542 42.87 -5.24 -6.78
C SER A 542 42.26 -3.84 -6.85
N TRP A 543 42.51 -3.01 -5.85
CA TRP A 543 42.06 -1.63 -5.88
C TRP A 543 43.15 -0.71 -5.34
N GLU A 544 42.98 0.59 -5.52
CA GLU A 544 43.98 1.54 -5.05
C GLU A 544 43.31 2.55 -4.12
N LEU A 545 44.01 2.93 -3.05
CA LEU A 545 43.50 3.96 -2.16
C LEU A 545 43.18 5.21 -2.95
N HIS A 546 42.15 5.91 -2.50
CA HIS A 546 41.75 7.20 -3.02
C HIS A 546 41.02 7.15 -4.35
N LYS A 547 41.17 6.09 -5.13
CA LYS A 547 40.56 6.01 -6.45
C LYS A 547 39.05 5.76 -6.38
N LYS A 548 38.28 6.50 -7.17
CA LYS A 548 36.84 6.33 -7.15
C LYS A 548 36.42 5.06 -7.88
N TYR A 549 35.58 4.27 -7.23
CA TYR A 549 35.04 3.05 -7.82
C TYR A 549 33.52 3.04 -7.87
N HIS A 550 32.95 2.48 -8.94
CA HIS A 550 31.52 2.33 -9.04
C HIS A 550 31.14 0.95 -8.50
N VAL A 551 30.22 0.88 -7.54
CA VAL A 551 29.84 -0.43 -6.97
C VAL A 551 28.36 -0.73 -7.21
N VAL A 552 28.06 -1.91 -7.72
CA VAL A 552 26.68 -2.34 -7.86
C VAL A 552 26.43 -3.72 -7.27
N LEU A 553 25.37 -3.84 -6.47
CA LEU A 553 24.98 -5.12 -5.94
C LEU A 553 23.63 -5.44 -6.56
N THR A 554 23.49 -6.63 -7.15
CA THR A 554 22.18 -7.09 -7.65
C THR A 554 21.79 -8.41 -7.00
N MET A 555 20.52 -8.52 -6.68
CA MET A 555 19.97 -9.71 -6.08
C MET A 555 18.61 -9.99 -6.71
N ALA A 556 18.47 -11.18 -7.30
CA ALA A 556 17.20 -11.65 -7.86
C ALA A 556 17.29 -13.16 -8.03
N ASP A 557 16.13 -13.83 -8.11
CA ASP A 557 16.11 -15.28 -8.23
C ASP A 557 17.04 -15.93 -7.20
N ARG A 558 17.09 -15.34 -6.00
CA ARG A 558 17.91 -15.83 -4.90
C ARG A 558 19.40 -15.83 -5.24
N GLN A 559 19.76 -15.15 -6.32
CA GLN A 559 21.15 -15.08 -6.71
C GLN A 559 21.71 -13.66 -6.47
N GLY A 560 23.03 -13.56 -6.33
CA GLY A 560 23.69 -12.30 -6.04
C GLY A 560 24.93 -12.05 -6.87
N SER A 561 25.07 -10.84 -7.41
CA SER A 561 26.28 -10.48 -8.14
C SER A 561 26.85 -9.18 -7.55
N VAL A 562 28.15 -8.98 -7.67
CA VAL A 562 28.77 -7.75 -7.20
C VAL A 562 29.62 -7.17 -8.32
N TYR A 563 29.35 -5.93 -8.69
CA TYR A 563 30.08 -5.29 -9.78
C TYR A 563 30.95 -4.16 -9.31
N VAL A 564 32.16 -4.08 -9.86
CA VAL A 564 33.02 -2.93 -9.60
C VAL A 564 33.34 -2.37 -10.97
N ASP A 565 33.12 -1.07 -11.15
CA ASP A 565 33.39 -0.45 -12.45
C ASP A 565 32.74 -1.21 -13.59
N GLY A 566 31.47 -1.60 -13.40
CA GLY A 566 30.69 -2.22 -14.44
C GLY A 566 30.99 -3.66 -14.76
N GLN A 567 31.98 -4.24 -14.08
CA GLN A 567 32.37 -5.62 -14.31
C GLN A 567 32.15 -6.47 -13.07
N PRO A 568 31.64 -7.68 -13.27
CA PRO A 568 31.30 -8.57 -12.16
C PRO A 568 32.56 -9.12 -11.49
N LEU A 569 32.53 -9.22 -10.16
CA LEU A 569 33.63 -9.79 -9.42
C LEU A 569 33.48 -11.29 -9.38
N ALA A 570 34.59 -12.00 -9.21
CA ALA A 570 34.55 -13.45 -9.09
C ALA A 570 33.51 -13.88 -8.03
N GLY A 571 32.77 -14.93 -8.33
CA GLY A 571 31.77 -15.42 -7.38
C GLY A 571 30.38 -14.95 -7.73
N SER A 572 30.29 -13.94 -8.58
CA SER A 572 29.00 -13.37 -8.95
C SER A 572 28.12 -14.40 -9.61
N GLY A 573 26.82 -14.32 -9.33
CA GLY A 573 25.86 -15.27 -9.85
C GLY A 573 25.60 -16.41 -8.87
N ASN A 574 26.30 -16.42 -7.73
CA ASN A 574 26.00 -17.45 -6.76
C ASN A 574 24.71 -17.20 -5.98
N THR A 575 24.11 -18.31 -5.54
CA THR A 575 22.93 -18.36 -4.71
C THR A 575 23.27 -17.72 -3.36
N VAL A 576 22.45 -16.79 -2.92
CA VAL A 576 22.72 -16.14 -1.66
C VAL A 576 21.79 -16.61 -0.56
N VAL A 577 20.61 -17.12 -0.93
CA VAL A 577 19.70 -17.65 0.08
C VAL A 577 19.15 -19.02 -0.32
N ARG A 578 18.99 -19.92 0.64
CA ARG A 578 18.37 -21.20 0.27
C ARG A 578 17.01 -21.44 0.91
N GLY A 579 16.25 -22.34 0.31
CA GLY A 579 14.90 -22.61 0.80
C GLY A 579 13.88 -21.72 0.10
N ALA A 580 12.70 -21.65 0.70
CA ALA A 580 11.60 -20.92 0.10
C ALA A 580 11.17 -19.75 0.98
N THR A 581 11.69 -19.72 2.21
CA THR A 581 11.36 -18.62 3.10
C THR A 581 12.08 -17.37 2.59
N LEU A 582 11.32 -16.32 2.26
CA LEU A 582 11.95 -15.04 1.90
C LEU A 582 12.98 -14.65 2.95
N PRO A 583 14.12 -14.14 2.51
CA PRO A 583 15.09 -13.54 3.46
C PRO A 583 14.41 -12.43 4.27
N ASP A 584 15.05 -12.03 5.37
CA ASP A 584 14.53 -10.94 6.19
C ASP A 584 15.64 -9.86 6.35
N ILE A 585 15.81 -9.03 5.32
CA ILE A 585 16.84 -7.99 5.38
C ILE A 585 16.54 -6.95 6.45
N SER A 586 17.51 -6.73 7.32
CA SER A 586 17.38 -5.74 8.39
C SER A 586 17.60 -4.33 7.87
N HIS A 587 18.58 -4.16 7.00
CA HIS A 587 18.96 -2.85 6.47
C HIS A 587 20.03 -2.96 5.42
N PHE A 588 20.26 -1.86 4.69
CA PHE A 588 21.42 -1.74 3.83
C PHE A 588 22.41 -0.95 4.66
N TYR A 589 23.68 -1.34 4.65
CA TYR A 589 24.68 -0.61 5.37
C TYR A 589 25.56 0.04 4.34
N ILE A 590 26.04 1.23 4.69
CA ILE A 590 26.91 2.00 3.83
C ILE A 590 28.07 2.39 4.71
N GLY A 591 29.27 1.90 4.39
CA GLY A 591 30.41 2.14 5.25
C GLY A 591 30.36 1.05 6.31
N GLY A 592 30.68 1.38 7.55
CA GLY A 592 30.69 0.41 8.63
C GLY A 592 29.88 0.83 9.85
N PRO A 593 28.58 1.01 9.69
CA PRO A 593 27.76 1.45 10.82
C PRO A 593 27.65 0.34 11.86
N ARG A 594 27.52 0.72 13.12
CA ARG A 594 27.26 -0.24 14.19
C ARG A 594 26.95 0.50 15.48
N SER A 595 26.16 -0.11 16.35
CA SER A 595 25.82 0.51 17.63
C SER A 595 26.39 -0.39 18.70
N LYS A 596 26.97 -1.51 18.25
CA LYS A 596 27.45 -2.56 19.12
C LYS A 596 28.28 -3.55 18.33
N GLY A 597 28.81 -4.54 19.03
CA GLY A 597 29.61 -5.56 18.36
C GLY A 597 30.99 -5.02 18.12
N ALA A 598 31.68 -5.58 17.12
CA ALA A 598 33.01 -5.12 16.81
C ALA A 598 32.94 -3.61 16.62
N PRO A 599 33.99 -2.90 17.05
CA PRO A 599 34.07 -1.45 16.89
C PRO A 599 34.53 -1.02 15.50
N THR A 600 33.82 -1.49 14.49
CA THR A 600 34.18 -1.21 13.11
C THR A 600 34.39 0.28 12.82
N ASP A 601 35.47 0.59 12.11
CA ASP A 601 35.77 1.96 11.65
C ASP A 601 36.26 1.87 10.22
N SER A 602 35.34 1.89 9.24
CA SER A 602 35.70 1.80 7.83
C SER A 602 35.96 3.20 7.29
N ARG A 603 37.17 3.45 6.78
CA ARG A 603 37.54 4.79 6.31
C ARG A 603 37.29 4.90 4.82
N VAL A 604 36.08 5.27 4.49
CA VAL A 604 35.63 5.34 3.12
C VAL A 604 34.72 6.54 2.96
N THR A 605 34.54 6.94 1.71
CA THR A 605 33.66 8.03 1.36
C THR A 605 32.68 7.50 0.35
N VAL A 606 31.37 7.65 0.61
CA VAL A 606 30.39 7.11 -0.31
C VAL A 606 29.43 8.16 -0.83
N THR A 607 29.16 8.15 -2.13
CA THR A 607 28.27 9.16 -2.71
C THR A 607 27.26 8.51 -3.67
N ASN A 608 26.13 9.20 -3.84
CA ASN A 608 25.11 8.79 -4.78
C ASN A 608 24.68 7.32 -4.67
N VAL A 609 24.09 6.99 -3.53
CA VAL A 609 23.63 5.61 -3.31
C VAL A 609 22.24 5.48 -3.87
N VAL A 610 22.09 4.60 -4.85
CA VAL A 610 20.84 4.45 -5.55
C VAL A 610 20.22 3.07 -5.28
N LEU A 611 18.91 3.05 -5.07
CA LEU A 611 18.21 1.79 -4.81
C LEU A 611 17.09 1.49 -5.81
N TYR A 612 17.12 0.31 -6.44
CA TYR A 612 16.05 -0.11 -7.36
C TYR A 612 15.34 -1.36 -6.86
N ASN A 613 14.05 -1.48 -7.19
CA ASN A 613 13.28 -2.66 -6.77
C ASN A 613 13.28 -3.77 -7.82
N ARG A 614 14.38 -3.88 -8.56
CA ARG A 614 14.53 -4.94 -9.55
C ARG A 614 16.00 -5.10 -9.83
N ARG A 615 16.36 -6.20 -10.50
CA ARG A 615 17.75 -6.38 -10.88
C ARG A 615 18.00 -5.66 -12.20
N LEU A 616 18.89 -4.69 -12.18
CA LEU A 616 19.13 -3.92 -13.39
C LEU A 616 19.84 -4.80 -14.43
N ASN A 617 19.53 -4.64 -15.72
CA ASN A 617 20.26 -5.44 -16.70
C ASN A 617 21.67 -4.89 -16.93
N SER A 618 22.47 -5.64 -17.70
CA SER A 618 23.88 -5.30 -17.93
C SER A 618 24.05 -3.93 -18.61
N SER A 619 23.15 -3.60 -19.51
CA SER A 619 23.20 -2.32 -20.22
C SER A 619 22.90 -1.17 -19.24
N GLU A 620 21.91 -1.38 -18.38
CA GLU A 620 21.58 -0.39 -17.36
C GLU A 620 22.75 -0.18 -16.39
N ILE A 621 23.38 -1.26 -15.94
CA ILE A 621 24.52 -1.14 -15.06
C ILE A 621 25.62 -0.29 -15.70
N ARG A 622 25.94 -0.57 -16.97
CA ARG A 622 26.99 0.17 -17.65
C ARG A 622 26.63 1.65 -17.81
N THR A 623 25.36 1.93 -18.07
CA THR A 623 24.94 3.31 -18.16
C THR A 623 25.21 4.05 -16.85
N LEU A 624 24.87 3.41 -15.73
CA LEU A 624 25.14 4.03 -14.44
C LEU A 624 26.64 4.19 -14.22
N PHE A 625 27.42 3.17 -14.56
CA PHE A 625 28.87 3.31 -14.41
C PHE A 625 29.39 4.51 -15.22
N LEU A 626 28.87 4.70 -16.43
CA LEU A 626 29.34 5.76 -17.31
C LEU A 626 28.84 7.14 -16.93
N SER A 627 27.74 7.22 -16.20
CA SER A 627 27.17 8.53 -15.90
C SER A 627 27.28 8.92 -14.43
N GLN A 628 28.15 8.24 -13.69
CA GLN A 628 28.18 8.50 -12.24
C GLN A 628 28.55 9.93 -11.80
N ASP A 629 29.30 10.67 -12.63
CA ASP A 629 29.62 12.05 -12.28
C ASP A 629 28.50 12.98 -12.71
N MET A 630 27.38 12.43 -13.19
CA MET A 630 26.27 13.23 -13.74
C MET A 630 24.96 13.24 -12.94
N ILE A 631 24.80 12.28 -12.01
CA ILE A 631 23.51 12.12 -11.33
C ILE A 631 23.35 12.81 -10.00
N GLY A 632 24.43 13.36 -9.44
CA GLY A 632 24.34 13.96 -8.11
C GLY A 632 23.39 15.15 -7.99
N THR A 633 22.84 15.37 -6.79
CA THR A 633 21.97 16.51 -6.55
C THR A 633 22.81 17.76 -6.20
N ASP A 634 24.11 17.51 -6.00
CA ASP A 634 25.19 18.53 -5.99
C ASP A 634 25.69 19.15 -4.70
S SO4 B . -2.83 -21.89 0.24
O1 SO4 B . -3.78 -22.87 -0.27
O2 SO4 B . -3.45 -21.03 1.26
O3 SO4 B . -1.68 -22.59 0.81
O4 SO4 B . -2.39 -21.06 -0.88
S SO4 C . 24.54 -2.82 14.81
O1 SO4 C . 24.55 -4.28 14.79
O2 SO4 C . 24.80 -2.36 16.17
O3 SO4 C . 25.58 -2.33 13.92
O4 SO4 C . 23.25 -2.31 14.38
C1 DAN D . -14.76 -5.64 11.52
C2 DAN D . -15.69 -6.27 10.72
C3 DAN D . -16.77 -5.41 10.12
C4 DAN D . -17.69 -6.18 9.16
C5 DAN D . -17.70 -7.65 9.50
C6 DAN D . -16.25 -8.14 9.48
C7 DAN D . -16.12 -9.68 9.59
C8 DAN D . -14.69 -10.15 9.85
C9 DAN D . -14.69 -11.65 10.12
C10 DAN D . -19.21 -9.41 8.69
C11 DAN D . -20.05 -9.85 7.53
N5 DAN D . -18.49 -8.32 8.49
O1A DAN D . -15.03 -4.43 12.20
O1B DAN D . -13.60 -6.19 11.67
O4 DAN D . -18.99 -5.67 9.28
O6 DAN D . -15.57 -7.51 10.55
O7 DAN D . -16.88 -10.17 10.68
O8 DAN D . -13.90 -9.89 8.72
O9 DAN D . -14.82 -12.35 8.89
O10 DAN D . -19.17 -10.12 9.91
#